data_6MQ9
#
_entry.id   6MQ9
#
_cell.length_a   47.511
_cell.length_b   70.340
_cell.length_c   89.337
_cell.angle_alpha   74.550
_cell.angle_beta   87.840
_cell.angle_gamma   78.100
#
_symmetry.space_group_name_H-M   'P 1'
#
loop_
_entity.id
_entity.type
_entity.pdbx_description
1 polymer Septin-12
2 non-polymer 'PHOSPHOAMINOPHOSPHONIC ACID-GUANYLATE ESTER'
3 non-polymer 'MAGNESIUM ION'
4 water water
#
_entity_poly.entity_id   1
_entity_poly.type   'polypeptide(L)'
_entity_poly.pdbx_seq_one_letter_code
;MGSSHHHHHHSSGLVPRGSHMGFEFNIMVVGQSGLGKSTMVNTLFKSKVWKSNPPGLGVPTPQTLQLHSLTHVIEEKGVK
LKLTVTDTPGFGDQINNDNCWDPILGYINEQYEQYLQEEILITRQRHIPDTRVHCCVYFVPPTGHCLRPLDIEFLQRLCR
TVNVVPVIARADSLTMEEREAFRRRIQQNLRTHCIDVYPQMCFDEDINDKILNSKLRDRIPFAVVGADQEHLVNGRCVLG
RKTKWGIIEVENMAHCEFPLLRDLLIRSHLQDLKDITHNIHYENYRVIRLNESHL
;
_entity_poly.pdbx_strand_id   A,B,C,D
#
loop_
_chem_comp.id
_chem_comp.type
_chem_comp.name
_chem_comp.formula
GNP non-polymer 'PHOSPHOAMINOPHOSPHONIC ACID-GUANYLATE ESTER' 'C10 H17 N6 O13 P3'
MG non-polymer 'MAGNESIUM ION' 'Mg 2'
#
# COMPACT_ATOMS: atom_id res chain seq x y z
N PHE A 23 -4.10 -13.25 26.31
CA PHE A 23 -4.89 -14.13 25.46
C PHE A 23 -4.07 -14.57 24.24
N GLU A 24 -3.60 -15.81 24.29
CA GLU A 24 -2.64 -16.31 23.31
C GLU A 24 -3.35 -16.87 22.08
N PHE A 25 -2.82 -16.52 20.90
CA PHE A 25 -3.33 -17.05 19.65
C PHE A 25 -2.17 -17.11 18.66
N ASN A 26 -1.93 -18.29 18.09
CA ASN A 26 -0.74 -18.54 17.28
C ASN A 26 -1.13 -18.97 15.88
N ILE A 27 -0.56 -18.29 14.89
CA ILE A 27 -0.81 -18.52 13.48
C ILE A 27 0.51 -18.86 12.82
N MET A 28 0.43 -19.62 11.73
CA MET A 28 1.59 -19.96 10.92
C MET A 28 1.21 -19.86 9.45
N VAL A 29 2.07 -19.24 8.65
CA VAL A 29 1.86 -19.16 7.21
C VAL A 29 2.74 -20.18 6.51
N VAL A 30 2.17 -20.91 5.57
CA VAL A 30 2.84 -22.00 4.89
C VAL A 30 2.51 -21.93 3.41
N GLY A 31 3.50 -22.21 2.56
CA GLY A 31 3.23 -22.24 1.14
C GLY A 31 4.50 -22.12 0.33
N GLN A 32 4.32 -22.26 -0.98
CA GLN A 32 5.41 -22.11 -1.93
C GLN A 32 6.08 -20.76 -1.78
N SER A 33 7.39 -20.74 -2.06
CA SER A 33 8.14 -19.48 -2.03
C SER A 33 7.54 -18.47 -3.01
N GLY A 34 7.56 -17.20 -2.61
CA GLY A 34 7.14 -16.12 -3.49
C GLY A 34 5.65 -15.94 -3.62
N LEU A 35 4.87 -16.37 -2.66
CA LEU A 35 3.42 -16.23 -2.70
C LEU A 35 2.90 -15.12 -1.79
N GLY A 36 3.79 -14.36 -1.14
CA GLY A 36 3.38 -13.28 -0.28
C GLY A 36 3.15 -13.66 1.16
N LYS A 37 3.76 -14.74 1.64
CA LYS A 37 3.53 -15.18 3.01
C LYS A 37 4.07 -14.17 4.02
N SER A 38 5.31 -13.72 3.83
CA SER A 38 5.90 -12.75 4.74
C SER A 38 5.17 -11.41 4.67
N THR A 39 4.76 -11.02 3.47
CA THR A 39 3.98 -9.80 3.32
C THR A 39 2.66 -9.90 4.09
N MET A 40 2.03 -11.07 4.05
CA MET A 40 0.76 -11.27 4.75
C MET A 40 0.95 -11.24 6.26
N VAL A 41 2.10 -11.69 6.76
CA VAL A 41 2.39 -11.58 8.19
C VAL A 41 2.35 -10.13 8.62
N ASN A 42 3.05 -9.26 7.89
CA ASN A 42 3.05 -7.84 8.22
C ASN A 42 1.67 -7.23 8.05
N THR A 43 0.91 -7.69 7.05
CA THR A 43 -0.43 -7.18 6.85
C THR A 43 -1.31 -7.45 8.05
N LEU A 44 -1.19 -8.64 8.64
CA LEU A 44 -2.00 -8.99 9.80
C LEU A 44 -1.70 -8.07 10.99
N PHE A 45 -0.43 -7.76 11.22
CA PHE A 45 -0.07 -6.89 12.34
C PHE A 45 -0.35 -5.43 12.05
N LYS A 46 -0.34 -5.02 10.78
CA LYS A 46 -0.54 -3.62 10.41
C LYS A 46 -1.99 -3.28 10.13
N SER A 47 -2.91 -4.23 10.27
CA SER A 47 -4.31 -4.00 9.95
C SER A 47 -4.84 -2.78 10.68
N LYS A 48 -5.60 -1.96 9.95
CA LYS A 48 -6.14 -0.72 10.51
C LYS A 48 -7.31 -0.95 11.45
N VAL A 49 -7.74 -2.21 11.65
CA VAL A 49 -8.80 -2.49 12.61
C VAL A 49 -8.29 -2.59 14.04
N TRP A 50 -6.98 -2.69 14.25
CA TRP A 50 -6.44 -2.68 15.60
C TRP A 50 -6.36 -1.24 16.13
N LYS A 51 -6.51 -1.11 17.45
CA LYS A 51 -6.40 0.21 18.07
C LYS A 51 -5.07 0.88 17.75
N SER A 52 -3.99 0.10 17.76
CA SER A 52 -2.68 0.62 17.41
C SER A 52 -1.88 -0.48 16.72
N ASN A 53 -0.95 -0.07 15.87
CA ASN A 53 -0.12 -1.01 15.15
C ASN A 53 1.33 -0.86 15.58
N PRO A 54 2.08 -1.96 15.64
CA PRO A 54 3.50 -1.87 16.00
C PRO A 54 4.31 -1.22 14.90
N PRO A 55 5.21 -0.30 15.25
CA PRO A 55 6.00 0.39 14.22
C PRO A 55 7.08 -0.51 13.65
N GLY A 56 7.39 -0.28 12.38
CA GLY A 56 8.43 -1.03 11.69
C GLY A 56 8.14 -2.52 11.57
N THR A 61 9.95 -7.50 3.56
CA THR A 61 11.10 -8.31 3.94
C THR A 61 11.55 -9.18 2.76
N PRO A 62 12.81 -9.64 2.74
CA PRO A 62 13.27 -10.46 1.61
C PRO A 62 12.88 -11.92 1.73
N GLN A 63 13.52 -12.77 0.94
CA GLN A 63 13.22 -14.19 0.92
C GLN A 63 13.52 -14.81 2.28
N THR A 64 12.52 -15.48 2.85
CA THR A 64 12.63 -16.00 4.21
C THR A 64 13.54 -17.22 4.25
N LEU A 65 14.57 -17.16 5.10
CA LEU A 65 15.55 -18.24 5.20
C LEU A 65 15.37 -19.11 6.43
N GLN A 66 14.71 -18.60 7.47
CA GLN A 66 14.53 -19.36 8.70
C GLN A 66 13.10 -19.20 9.18
N LEU A 67 12.62 -20.21 9.92
CA LEU A 67 11.40 -20.03 10.68
C LEU A 67 11.61 -18.93 11.71
N HIS A 68 10.64 -18.03 11.83
CA HIS A 68 10.72 -16.92 12.77
CA HIS A 68 10.71 -16.98 12.83
C HIS A 68 9.30 -16.52 13.18
N SER A 69 9.13 -16.21 14.46
CA SER A 69 7.83 -15.85 15.01
C SER A 69 7.83 -14.41 15.48
N LEU A 70 6.76 -13.69 15.16
CA LEU A 70 6.53 -12.34 15.65
C LEU A 70 5.36 -12.36 16.63
N THR A 71 5.53 -11.70 17.78
CA THR A 71 4.51 -11.65 18.81
C THR A 71 4.23 -10.21 19.17
N HIS A 72 2.96 -9.82 19.13
CA HIS A 72 2.56 -8.46 19.47
C HIS A 72 1.19 -8.49 20.13
N VAL A 73 1.04 -7.70 21.19
CA VAL A 73 -0.25 -7.51 21.84
C VAL A 73 -1.07 -6.55 20.98
N ILE A 74 -2.10 -7.07 20.32
CA ILE A 74 -2.99 -6.26 19.50
C ILE A 74 -4.37 -6.25 20.14
N GLU A 75 -5.16 -5.24 19.80
CA GLU A 75 -6.43 -5.00 20.46
C GLU A 75 -7.44 -4.48 19.46
N GLU A 76 -8.55 -5.21 19.31
CA GLU A 76 -9.75 -4.69 18.67
C GLU A 76 -10.76 -4.35 19.78
N LYS A 77 -11.76 -3.55 19.42
CA LYS A 77 -12.72 -3.01 20.37
C LYS A 77 -13.27 -4.08 21.32
N GLY A 78 -12.67 -4.19 22.50
CA GLY A 78 -13.07 -5.13 23.52
C GLY A 78 -12.19 -6.36 23.61
N VAL A 79 -11.66 -6.83 22.49
CA VAL A 79 -10.90 -8.07 22.43
C VAL A 79 -9.41 -7.74 22.39
N LYS A 80 -8.68 -8.21 23.40
CA LYS A 80 -7.23 -8.07 23.48
C LYS A 80 -6.58 -9.40 23.17
N LEU A 81 -5.49 -9.36 22.41
CA LEU A 81 -4.86 -10.56 21.87
C LEU A 81 -3.35 -10.49 22.00
N LYS A 82 -2.74 -11.57 22.47
CA LYS A 82 -1.30 -11.79 22.30
C LYS A 82 -1.15 -12.68 21.07
N LEU A 83 -0.95 -12.06 19.91
CA LEU A 83 -0.95 -12.75 18.63
C LEU A 83 0.48 -13.08 18.22
N THR A 84 0.72 -14.36 17.94
CA THR A 84 1.99 -14.81 17.39
C THR A 84 1.76 -15.32 15.96
N VAL A 85 2.57 -14.85 15.03
CA VAL A 85 2.54 -15.35 13.65
C VAL A 85 3.91 -15.91 13.34
N THR A 86 3.97 -17.17 12.96
CA THR A 86 5.21 -17.84 12.61
C THR A 86 5.37 -17.81 11.09
N ASP A 87 6.43 -17.16 10.64
CA ASP A 87 6.76 -17.09 9.21
C ASP A 87 7.70 -18.24 8.87
N THR A 88 7.54 -18.79 7.66
CA THR A 88 8.27 -19.98 7.28
C THR A 88 8.95 -19.79 5.94
N PRO A 89 10.10 -20.43 5.73
CA PRO A 89 10.68 -20.46 4.38
C PRO A 89 9.77 -21.23 3.43
N GLY A 90 9.63 -20.69 2.22
CA GLY A 90 8.82 -21.35 1.21
C GLY A 90 9.50 -22.56 0.61
N PHE A 91 8.68 -23.45 0.07
CA PHE A 91 9.16 -24.69 -0.54
C PHE A 91 8.81 -24.69 -2.03
N GLY A 92 9.18 -25.77 -2.71
CA GLY A 92 8.83 -25.96 -4.09
C GLY A 92 9.74 -25.32 -5.11
N ASP A 93 10.99 -25.03 -4.75
CA ASP A 93 11.95 -24.47 -5.68
C ASP A 93 13.01 -25.46 -6.13
N GLN A 94 13.30 -26.49 -5.33
CA GLN A 94 14.31 -27.46 -5.68
C GLN A 94 13.77 -28.41 -6.75
N ILE A 95 14.68 -29.25 -7.27
CA ILE A 95 14.26 -30.25 -8.25
C ILE A 95 13.38 -31.30 -7.60
N ASN A 96 13.78 -31.78 -6.43
CA ASN A 96 12.99 -32.75 -5.67
C ASN A 96 12.64 -32.13 -4.32
N ASN A 97 11.34 -31.93 -4.09
CA ASN A 97 10.85 -31.31 -2.87
C ASN A 97 10.40 -32.33 -1.83
N ASP A 98 10.79 -33.59 -1.99
CA ASP A 98 10.38 -34.62 -1.04
C ASP A 98 10.81 -34.22 0.37
N ASN A 99 9.89 -34.34 1.31
CA ASN A 99 10.09 -34.06 2.73
C ASN A 99 10.32 -32.58 3.02
N CYS A 100 9.88 -31.68 2.13
CA CYS A 100 9.95 -30.26 2.41
C CYS A 100 9.00 -29.84 3.51
N TRP A 101 8.09 -30.73 3.92
CA TRP A 101 7.16 -30.47 5.01
C TRP A 101 7.73 -30.79 6.39
N ASP A 102 8.92 -31.38 6.46
CA ASP A 102 9.48 -31.78 7.75
C ASP A 102 9.70 -30.61 8.70
N PRO A 103 10.35 -29.50 8.31
CA PRO A 103 10.54 -28.41 9.28
C PRO A 103 9.24 -27.85 9.83
N ILE A 104 8.22 -27.72 8.98
CA ILE A 104 6.95 -27.15 9.43
C ILE A 104 6.22 -28.14 10.34
N LEU A 105 6.11 -29.40 9.91
CA LEU A 105 5.52 -30.41 10.77
C LEU A 105 6.35 -30.59 12.05
N GLY A 106 7.67 -30.42 11.95
CA GLY A 106 8.50 -30.47 13.14
C GLY A 106 8.18 -29.35 14.11
N TYR A 107 7.94 -28.14 13.60
CA TYR A 107 7.59 -27.03 14.48
C TYR A 107 6.26 -27.27 15.16
N ILE A 108 5.26 -27.73 14.41
CA ILE A 108 3.93 -27.93 14.96
C ILE A 108 3.98 -28.95 16.11
N ASN A 109 4.65 -30.07 15.88
CA ASN A 109 4.69 -31.11 16.90
C ASN A 109 5.56 -30.71 18.09
N GLU A 110 6.56 -29.85 17.87
CA GLU A 110 7.37 -29.37 18.99
C GLU A 110 6.52 -28.60 19.99
N GLN A 111 5.55 -27.81 19.50
CA GLN A 111 4.70 -27.05 20.39
C GLN A 111 3.73 -27.95 21.15
N TYR A 112 3.22 -28.99 20.50
CA TYR A 112 2.44 -30.00 21.21
C TYR A 112 3.29 -30.69 22.27
N GLU A 113 4.55 -31.00 21.94
CA GLU A 113 5.44 -31.66 22.89
C GLU A 113 5.69 -30.79 24.11
N GLN A 114 6.00 -29.51 23.88
CA GLN A 114 6.24 -28.59 24.99
C GLN A 114 5.02 -28.49 25.89
N TYR A 115 3.83 -28.40 25.28
CA TYR A 115 2.60 -28.30 26.07
C TYR A 115 2.38 -29.57 26.90
N LEU A 116 2.60 -30.74 26.30
CA LEU A 116 2.42 -31.99 27.03
C LEU A 116 3.41 -32.12 28.17
N GLN A 117 4.68 -31.74 27.93
CA GLN A 117 5.67 -31.80 28.99
C GLN A 117 5.34 -30.83 30.11
N GLU A 118 4.79 -29.67 29.78
CA GLU A 118 4.36 -28.73 30.81
C GLU A 118 3.20 -29.29 31.62
N GLU A 119 2.21 -29.90 30.96
CA GLU A 119 1.11 -30.53 31.69
C GLU A 119 1.62 -31.61 32.63
N ILE A 120 2.56 -32.43 32.15
CA ILE A 120 3.12 -33.48 32.99
C ILE A 120 3.82 -32.89 34.21
N LEU A 121 4.52 -31.76 34.03
CA LEU A 121 5.39 -31.26 35.07
C LEU A 121 4.70 -30.31 36.05
N ILE A 122 3.86 -29.39 35.56
CA ILE A 122 3.27 -28.37 36.42
C ILE A 122 1.76 -28.47 36.52
N THR A 123 1.13 -29.40 35.79
CA THR A 123 -0.26 -29.82 36.00
C THR A 123 -1.30 -28.77 35.61
N ARG A 124 -1.15 -27.53 36.07
CA ARG A 124 -2.18 -26.51 35.91
C ARG A 124 -1.90 -25.68 34.66
N GLN A 125 -2.88 -25.66 33.74
CA GLN A 125 -2.71 -24.95 32.47
C GLN A 125 -2.61 -23.45 32.65
N ARG A 126 -3.04 -22.95 33.81
CA ARG A 126 -2.90 -21.51 34.10
C ARG A 126 -1.48 -21.02 33.89
N HIS A 127 -0.49 -21.87 34.18
CA HIS A 127 0.91 -21.50 34.11
C HIS A 127 1.63 -22.08 32.90
N ILE A 128 0.89 -22.55 31.89
CA ILE A 128 1.48 -23.13 30.70
C ILE A 128 1.30 -22.14 29.55
N PRO A 129 2.36 -21.52 29.04
CA PRO A 129 2.23 -20.69 27.84
C PRO A 129 1.84 -21.55 26.64
N ASP A 130 0.83 -21.10 25.92
CA ASP A 130 0.28 -21.84 24.78
C ASP A 130 1.00 -21.37 23.52
N THR A 131 1.97 -22.17 23.06
CA THR A 131 2.67 -21.91 21.81
C THR A 131 2.15 -22.75 20.66
N ARG A 132 1.09 -23.52 20.89
CA ARG A 132 0.59 -24.42 19.86
C ARG A 132 0.02 -23.62 18.69
N VAL A 133 0.24 -24.14 17.49
CA VAL A 133 -0.26 -23.50 16.27
C VAL A 133 -1.76 -23.73 16.21
N HIS A 134 -2.54 -22.65 16.38
CA HIS A 134 -3.98 -22.75 16.37
C HIS A 134 -4.56 -22.69 14.96
N CYS A 135 -3.83 -22.16 13.99
CA CYS A 135 -4.29 -22.20 12.62
C CYS A 135 -3.11 -22.03 11.68
N CYS A 136 -3.12 -22.81 10.61
CA CYS A 136 -2.16 -22.70 9.52
CA CYS A 136 -2.16 -22.68 9.52
C CYS A 136 -2.86 -22.08 8.32
N VAL A 137 -2.32 -20.98 7.80
CA VAL A 137 -2.83 -20.35 6.60
C VAL A 137 -1.95 -20.85 5.45
N TYR A 138 -2.54 -21.66 4.56
CA TYR A 138 -1.80 -22.32 3.51
C TYR A 138 -2.02 -21.59 2.20
N PHE A 139 -0.93 -21.13 1.58
CA PHE A 139 -0.98 -20.28 0.40
C PHE A 139 -0.91 -21.13 -0.86
N VAL A 140 -1.94 -21.02 -1.69
CA VAL A 140 -2.04 -21.75 -2.95
C VAL A 140 -1.63 -20.82 -4.09
N PRO A 141 -0.78 -21.25 -5.02
CA PRO A 141 -0.40 -20.38 -6.15
C PRO A 141 -1.60 -20.07 -7.01
N PRO A 142 -1.75 -18.80 -7.45
CA PRO A 142 -2.92 -18.40 -8.26
C PRO A 142 -2.79 -18.82 -9.73
N THR A 143 -2.64 -20.12 -9.95
CA THR A 143 -2.49 -20.65 -11.30
C THR A 143 -3.78 -20.55 -12.11
N GLY A 144 -4.93 -20.50 -11.44
CA GLY A 144 -6.21 -20.56 -12.11
C GLY A 144 -6.65 -21.95 -12.52
N HIS A 145 -5.80 -22.97 -12.31
CA HIS A 145 -6.13 -24.33 -12.71
C HIS A 145 -6.69 -25.12 -11.55
N CYS A 146 -5.88 -25.97 -10.92
CA CYS A 146 -6.33 -26.82 -9.84
C CYS A 146 -5.17 -27.03 -8.86
N LEU A 147 -5.46 -27.75 -7.77
CA LEU A 147 -4.43 -28.01 -6.77
C LEU A 147 -3.31 -28.86 -7.34
N ARG A 148 -2.08 -28.43 -7.10
CA ARG A 148 -0.92 -29.18 -7.56
C ARG A 148 -0.68 -30.39 -6.67
N PRO A 149 -0.07 -31.44 -7.22
CA PRO A 149 0.23 -32.62 -6.39
C PRO A 149 1.08 -32.32 -5.18
N LEU A 150 2.02 -31.37 -5.26
CA LEU A 150 2.85 -31.05 -4.10
C LEU A 150 2.01 -30.41 -3.00
N ASP A 151 1.09 -29.52 -3.37
CA ASP A 151 0.22 -28.89 -2.37
C ASP A 151 -0.75 -29.90 -1.77
N ILE A 152 -1.25 -30.84 -2.57
CA ILE A 152 -2.11 -31.88 -2.05
C ILE A 152 -1.39 -32.68 -0.97
N GLU A 153 -0.16 -33.11 -1.27
CA GLU A 153 0.62 -33.89 -0.30
C GLU A 153 0.85 -33.10 0.98
N PHE A 154 1.22 -31.83 0.84
CA PHE A 154 1.47 -31.00 2.02
C PHE A 154 0.20 -30.79 2.82
N LEU A 155 -0.91 -30.49 2.13
CA LEU A 155 -2.18 -30.25 2.82
C LEU A 155 -2.67 -31.49 3.54
N GLN A 156 -2.55 -32.67 2.90
CA GLN A 156 -2.99 -33.90 3.54
C GLN A 156 -2.23 -34.15 4.83
N ARG A 157 -0.91 -33.91 4.82
CA ARG A 157 -0.11 -34.11 6.03
C ARG A 157 -0.43 -33.06 7.08
N LEU A 158 -0.67 -31.81 6.66
CA LEU A 158 -0.92 -30.73 7.61
C LEU A 158 -2.25 -30.91 8.32
N CYS A 159 -3.32 -31.23 7.57
CA CYS A 159 -4.64 -31.33 8.17
C CYS A 159 -4.74 -32.45 9.18
N ARG A 160 -3.81 -33.40 9.17
CA ARG A 160 -3.82 -34.46 10.17
C ARG A 160 -3.40 -33.96 11.55
N THR A 161 -2.78 -32.78 11.64
CA THR A 161 -2.17 -32.32 12.89
C THR A 161 -2.52 -30.89 13.30
N VAL A 162 -3.17 -30.10 12.45
CA VAL A 162 -3.38 -28.69 12.73
C VAL A 162 -4.56 -28.18 11.91
N ASN A 163 -5.20 -27.13 12.40
CA ASN A 163 -6.23 -26.46 11.61
C ASN A 163 -5.60 -25.77 10.42
N VAL A 164 -6.22 -25.91 9.25
CA VAL A 164 -5.68 -25.37 8.00
C VAL A 164 -6.77 -24.56 7.32
N VAL A 165 -6.47 -23.29 7.03
CA VAL A 165 -7.31 -22.45 6.19
C VAL A 165 -6.52 -22.12 4.92
N PRO A 166 -6.88 -22.69 3.77
CA PRO A 166 -6.17 -22.37 2.53
C PRO A 166 -6.63 -21.04 1.96
N VAL A 167 -5.71 -20.37 1.28
CA VAL A 167 -6.01 -19.13 0.59
C VAL A 167 -5.42 -19.17 -0.81
N ILE A 168 -6.06 -18.46 -1.73
CA ILE A 168 -5.47 -18.19 -3.04
C ILE A 168 -4.54 -16.99 -2.87
N ALA A 169 -3.24 -17.21 -3.02
CA ALA A 169 -2.26 -16.17 -2.79
C ALA A 169 -2.21 -15.20 -3.96
N ARG A 170 -1.78 -13.96 -3.68
CA ARG A 170 -1.57 -12.93 -4.69
C ARG A 170 -2.72 -12.89 -5.69
N ALA A 171 -3.95 -12.85 -5.14
CA ALA A 171 -5.15 -13.03 -5.94
C ALA A 171 -5.40 -11.90 -6.92
N ASP A 172 -4.73 -10.75 -6.73
CA ASP A 172 -4.85 -9.66 -7.70
C ASP A 172 -4.34 -10.05 -9.08
N SER A 173 -3.58 -11.14 -9.19
CA SER A 173 -3.15 -11.63 -10.49
C SER A 173 -4.24 -12.41 -11.22
N LEU A 174 -5.39 -12.61 -10.59
CA LEU A 174 -6.56 -13.21 -11.22
C LEU A 174 -7.71 -12.22 -11.21
N THR A 175 -8.50 -12.19 -12.28
CA THR A 175 -9.71 -11.40 -12.26
C THR A 175 -10.69 -11.98 -11.26
N MET A 176 -11.73 -11.19 -10.94
CA MET A 176 -12.74 -11.66 -9.98
C MET A 176 -13.37 -12.96 -10.45
N GLU A 177 -13.67 -13.07 -11.75
CA GLU A 177 -14.27 -14.29 -12.28
C GLU A 177 -13.27 -15.45 -12.24
N GLU A 178 -12.01 -15.18 -12.54
CA GLU A 178 -10.99 -16.22 -12.45
C GLU A 178 -10.79 -16.67 -11.00
N ARG A 179 -10.81 -15.73 -10.05
CA ARG A 179 -10.73 -16.10 -8.64
C ARG A 179 -11.82 -17.08 -8.26
N GLU A 180 -13.05 -16.81 -8.72
CA GLU A 180 -14.18 -17.64 -8.31
C GLU A 180 -14.11 -19.03 -8.93
N ALA A 181 -13.80 -19.10 -10.22
CA ALA A 181 -13.68 -20.41 -10.88
C ALA A 181 -12.55 -21.23 -10.28
N PHE A 182 -11.41 -20.59 -10.00
CA PHE A 182 -10.30 -21.27 -9.36
C PHE A 182 -10.68 -21.76 -7.97
N ARG A 183 -11.41 -20.93 -7.22
CA ARG A 183 -11.91 -21.34 -5.90
C ARG A 183 -12.78 -22.58 -6.00
N ARG A 184 -13.68 -22.61 -6.98
CA ARG A 184 -14.58 -23.76 -7.13
C ARG A 184 -13.80 -25.03 -7.47
N ARG A 185 -12.76 -24.92 -8.30
CA ARG A 185 -11.97 -26.10 -8.64
C ARG A 185 -11.17 -26.58 -7.43
N ILE A 186 -10.59 -25.65 -6.65
CA ILE A 186 -9.87 -26.03 -5.45
C ILE A 186 -10.79 -26.76 -4.47
N GLN A 187 -12.01 -26.24 -4.29
CA GLN A 187 -12.96 -26.88 -3.40
C GLN A 187 -13.29 -28.30 -3.85
N GLN A 188 -13.42 -28.52 -5.16
CA GLN A 188 -13.61 -29.86 -5.67
C GLN A 188 -12.38 -30.72 -5.42
N ASN A 189 -11.18 -30.16 -5.64
CA ASN A 189 -9.96 -30.92 -5.39
C ASN A 189 -9.86 -31.35 -3.93
N LEU A 190 -10.28 -30.49 -3.00
CA LEU A 190 -10.18 -30.81 -1.58
C LEU A 190 -11.08 -32.00 -1.23
N ARG A 191 -12.28 -32.07 -1.84
CA ARG A 191 -13.15 -33.22 -1.60
C ARG A 191 -12.56 -34.48 -2.21
N THR A 192 -12.00 -34.38 -3.42
CA THR A 192 -11.48 -35.56 -4.11
C THR A 192 -10.35 -36.21 -3.33
N HIS A 193 -9.42 -35.41 -2.82
CA HIS A 193 -8.27 -35.91 -2.09
C HIS A 193 -8.51 -35.95 -0.59
N CYS A 194 -9.76 -35.76 -0.14
CA CYS A 194 -10.15 -35.91 1.26
C CYS A 194 -9.31 -35.03 2.18
N ILE A 195 -9.14 -33.77 1.78
CA ILE A 195 -8.45 -32.77 2.58
C ILE A 195 -9.54 -31.97 3.29
N ASP A 196 -9.74 -32.26 4.59
CA ASP A 196 -10.81 -31.63 5.36
C ASP A 196 -10.24 -30.37 6.00
N VAL A 197 -10.48 -29.23 5.35
CA VAL A 197 -9.96 -27.95 5.81
C VAL A 197 -10.95 -27.30 6.78
N TYR A 198 -10.48 -26.28 7.50
CA TYR A 198 -11.29 -25.59 8.49
C TYR A 198 -12.25 -24.60 7.83
N PRO A 199 -13.48 -24.49 8.34
CA PRO A 199 -14.04 -25.29 9.43
C PRO A 199 -14.62 -26.62 8.94
N GLN A 200 -14.21 -27.72 9.56
CA GLN A 200 -14.66 -29.02 9.13
C GLN A 200 -16.14 -29.21 9.48
N MET A 201 -16.88 -29.80 8.54
CA MET A 201 -18.33 -29.97 8.74
C MET A 201 -18.64 -30.89 9.91
N CYS A 202 -17.76 -31.88 10.18
CA CYS A 202 -18.00 -32.81 11.27
C CYS A 202 -17.98 -32.14 12.64
N PHE A 203 -17.44 -30.93 12.74
CA PHE A 203 -17.38 -30.21 14.00
C PHE A 203 -18.46 -29.14 14.11
N ASP A 204 -19.33 -29.00 13.11
CA ASP A 204 -20.49 -28.14 13.24
C ASP A 204 -21.38 -28.65 14.37
N GLU A 205 -21.36 -27.97 15.52
CA GLU A 205 -22.05 -28.45 16.71
C GLU A 205 -23.53 -28.13 16.71
N ASP A 206 -24.00 -27.25 15.84
CA ASP A 206 -25.38 -26.79 15.90
C ASP A 206 -25.84 -26.38 14.51
N ILE A 207 -27.17 -26.24 14.36
CA ILE A 207 -27.72 -25.71 13.12
C ILE A 207 -27.20 -24.30 12.86
N ASN A 208 -27.08 -23.51 13.94
CA ASN A 208 -26.49 -22.18 13.80
C ASN A 208 -25.05 -22.26 13.31
N ASP A 209 -24.30 -23.27 13.77
CA ASP A 209 -22.94 -23.45 13.28
C ASP A 209 -22.92 -23.84 11.81
N LYS A 210 -23.85 -24.72 11.40
CA LYS A 210 -23.93 -25.12 10.00
C LYS A 210 -24.21 -23.92 9.09
N ILE A 211 -25.15 -23.06 9.49
CA ILE A 211 -25.50 -21.91 8.66
C ILE A 211 -24.32 -20.95 8.56
N LEU A 212 -23.68 -20.65 9.68
CA LEU A 212 -22.56 -19.71 9.67
C LEU A 212 -21.34 -20.30 8.98
N ASN A 213 -21.03 -21.57 9.25
CA ASN A 213 -19.82 -22.16 8.69
C ASN A 213 -19.98 -22.48 7.21
N SER A 214 -21.21 -22.73 6.75
CA SER A 214 -21.41 -22.93 5.32
C SER A 214 -21.11 -21.67 4.53
N LYS A 215 -21.40 -20.49 5.10
CA LYS A 215 -21.02 -19.25 4.44
C LYS A 215 -19.51 -19.11 4.34
N LEU A 216 -18.78 -19.52 5.36
CA LEU A 216 -17.33 -19.48 5.31
C LEU A 216 -16.77 -20.53 4.35
N ARG A 217 -17.29 -21.75 4.43
CA ARG A 217 -16.81 -22.81 3.53
C ARG A 217 -17.07 -22.48 2.07
N ASP A 218 -18.10 -21.67 1.79
CA ASP A 218 -18.38 -21.27 0.42
C ASP A 218 -17.24 -20.42 -0.15
N ARG A 219 -16.59 -19.62 0.68
CA ARG A 219 -15.56 -18.69 0.23
C ARG A 219 -14.15 -19.21 0.41
N ILE A 220 -13.96 -20.32 1.12
CA ILE A 220 -12.63 -20.88 1.33
C ILE A 220 -12.28 -21.81 0.17
N PRO A 221 -11.10 -21.61 -0.45
CA PRO A 221 -10.01 -20.68 -0.09
C PRO A 221 -10.28 -19.20 -0.40
N PHE A 222 -9.98 -18.34 0.57
CA PHE A 222 -10.13 -16.91 0.35
C PHE A 222 -9.13 -16.42 -0.69
N ALA A 223 -9.57 -15.50 -1.54
CA ALA A 223 -8.71 -14.90 -2.56
C ALA A 223 -8.10 -13.64 -1.94
N VAL A 224 -6.87 -13.77 -1.45
CA VAL A 224 -6.28 -12.73 -0.62
C VAL A 224 -5.19 -11.99 -1.37
N VAL A 225 -4.99 -10.74 -0.95
CA VAL A 225 -3.89 -9.89 -1.39
C VAL A 225 -3.24 -9.31 -0.13
N GLY A 226 -1.91 -9.33 -0.09
CA GLY A 226 -1.17 -8.80 1.03
C GLY A 226 -0.55 -7.45 0.72
N ALA A 227 -0.37 -6.64 1.76
CA ALA A 227 0.24 -5.32 1.60
C ALA A 227 0.83 -4.87 2.92
N ASP A 228 2.11 -4.50 2.91
CA ASP A 228 2.79 -3.96 4.08
C ASP A 228 3.00 -2.46 4.00
N GLN A 229 2.54 -1.82 2.93
CA GLN A 229 2.67 -0.38 2.75
C GLN A 229 1.29 0.27 2.91
N GLU A 230 1.27 1.44 3.54
CA GLU A 230 0.05 2.22 3.69
C GLU A 230 0.06 3.39 2.71
N HIS A 231 -1.14 3.73 2.22
CA HIS A 231 -1.31 4.81 1.27
C HIS A 231 -2.48 5.68 1.67
N LEU A 232 -2.43 6.95 1.29
CA LEU A 232 -3.54 7.87 1.52
C LEU A 232 -4.42 7.87 0.28
N VAL A 233 -5.62 7.31 0.41
CA VAL A 233 -6.58 7.19 -0.69
C VAL A 233 -7.88 7.86 -0.26
N ASN A 234 -8.21 8.99 -0.90
CA ASN A 234 -9.44 9.72 -0.64
C ASN A 234 -9.60 10.03 0.85
N GLY A 235 -8.51 10.47 1.47
CA GLY A 235 -8.52 10.86 2.86
C GLY A 235 -8.36 9.74 3.87
N ARG A 236 -8.21 8.50 3.41
CA ARG A 236 -8.10 7.34 4.29
C ARG A 236 -6.70 6.75 4.20
N CYS A 237 -6.10 6.48 5.36
CA CYS A 237 -4.82 5.79 5.42
CA CYS A 237 -4.81 5.79 5.43
C CYS A 237 -5.10 4.29 5.40
N VAL A 238 -4.81 3.65 4.26
CA VAL A 238 -5.16 2.25 4.06
C VAL A 238 -3.95 1.45 3.61
N LEU A 239 -3.93 0.18 3.99
CA LEU A 239 -2.94 -0.75 3.46
C LEU A 239 -3.27 -1.08 2.02
N GLY A 240 -2.25 -1.11 1.17
CA GLY A 240 -2.55 -1.37 -0.23
C GLY A 240 -1.30 -1.61 -1.04
N ARG A 241 -1.52 -2.16 -2.24
CA ARG A 241 -0.48 -2.34 -3.24
C ARG A 241 -0.68 -1.28 -4.32
N LYS A 242 0.29 -0.37 -4.43
CA LYS A 242 0.20 0.70 -5.41
C LYS A 242 0.69 0.20 -6.75
N THR A 243 -0.15 0.29 -7.77
CA THR A 243 0.19 -0.05 -9.14
C THR A 243 0.00 1.18 -10.02
N LYS A 244 0.24 1.00 -11.33
CA LYS A 244 0.06 2.10 -12.27
C LYS A 244 -1.40 2.53 -12.37
N TRP A 245 -2.33 1.63 -12.09
CA TRP A 245 -3.75 1.89 -12.24
C TRP A 245 -4.44 2.34 -10.96
N GLY A 246 -3.76 2.29 -9.82
CA GLY A 246 -4.34 2.69 -8.56
C GLY A 246 -3.76 1.88 -7.42
N ILE A 247 -4.46 1.91 -6.29
CA ILE A 247 -4.06 1.17 -5.10
C ILE A 247 -5.04 0.02 -4.90
N ILE A 248 -4.49 -1.19 -4.78
CA ILE A 248 -5.28 -2.36 -4.40
C ILE A 248 -5.37 -2.38 -2.88
N GLU A 249 -6.55 -2.09 -2.35
CA GLU A 249 -6.76 -1.95 -0.91
C GLU A 249 -7.06 -3.32 -0.31
N VAL A 250 -6.11 -3.84 0.49
CA VAL A 250 -6.22 -5.23 0.94
C VAL A 250 -7.26 -5.42 2.03
N GLU A 251 -7.66 -4.36 2.73
CA GLU A 251 -8.72 -4.46 3.72
C GLU A 251 -10.07 -4.00 3.19
N ASN A 252 -10.19 -3.92 1.86
CA ASN A 252 -11.41 -3.53 1.17
C ASN A 252 -12.02 -4.76 0.52
N MET A 253 -13.23 -5.12 0.94
CA MET A 253 -13.88 -6.32 0.41
C MET A 253 -14.14 -6.23 -1.09
N ALA A 254 -14.27 -5.02 -1.63
CA ALA A 254 -14.45 -4.88 -3.08
C ALA A 254 -13.17 -5.17 -3.85
N HIS A 255 -12.03 -5.27 -3.17
CA HIS A 255 -10.75 -5.51 -3.82
C HIS A 255 -10.18 -6.90 -3.58
N CYS A 256 -10.31 -7.45 -2.37
CA CYS A 256 -9.85 -8.80 -2.11
C CYS A 256 -10.57 -9.32 -0.87
N GLU A 257 -10.29 -10.57 -0.51
CA GLU A 257 -10.96 -11.25 0.58
C GLU A 257 -10.08 -11.38 1.83
N PHE A 258 -8.99 -10.63 1.92
CA PHE A 258 -8.24 -10.59 3.17
C PHE A 258 -9.09 -10.25 4.39
N PRO A 259 -10.07 -9.32 4.33
CA PRO A 259 -10.92 -9.11 5.51
C PRO A 259 -11.63 -10.37 5.97
N LEU A 260 -11.98 -11.28 5.06
CA LEU A 260 -12.60 -12.53 5.47
C LEU A 260 -11.63 -13.41 6.27
N LEU A 261 -10.39 -13.51 5.79
CA LEU A 261 -9.38 -14.27 6.53
C LEU A 261 -9.09 -13.62 7.88
N ARG A 262 -8.93 -12.29 7.88
CA ARG A 262 -8.63 -11.57 9.11
C ARG A 262 -9.75 -11.72 10.13
N ASP A 263 -11.00 -11.55 9.68
CA ASP A 263 -12.13 -11.66 10.60
C ASP A 263 -12.28 -13.08 11.13
N LEU A 264 -12.09 -14.09 10.27
CA LEU A 264 -12.16 -15.47 10.72
C LEU A 264 -11.15 -15.74 11.82
N LEU A 265 -9.89 -15.36 11.58
CA LEU A 265 -8.82 -15.70 12.51
C LEU A 265 -8.96 -14.98 13.84
N ILE A 266 -9.27 -13.68 13.80
CA ILE A 266 -9.13 -12.85 14.98
C ILE A 266 -10.47 -12.62 15.66
N ARG A 267 -11.56 -12.54 14.88
CA ARG A 267 -12.83 -12.12 15.44
C ARG A 267 -13.79 -13.29 15.65
N SER A 268 -14.22 -13.93 14.58
CA SER A 268 -15.37 -14.83 14.64
C SER A 268 -15.00 -16.23 15.12
N HIS A 269 -13.88 -16.77 14.66
CA HIS A 269 -13.55 -18.18 14.89
C HIS A 269 -12.26 -18.38 15.68
N LEU A 270 -11.75 -17.32 16.32
CA LEU A 270 -10.52 -17.46 17.10
C LEU A 270 -10.66 -18.54 18.16
N GLN A 271 -11.71 -18.45 18.99
CA GLN A 271 -11.85 -19.40 20.08
C GLN A 271 -12.10 -20.82 19.56
N ASP A 272 -12.91 -20.95 18.51
CA ASP A 272 -13.18 -22.27 17.95
C ASP A 272 -11.90 -22.92 17.45
N LEU A 273 -11.02 -22.13 16.80
CA LEU A 273 -9.74 -22.65 16.35
C LEU A 273 -8.90 -23.16 17.51
N LYS A 274 -8.82 -22.38 18.59
CA LYS A 274 -8.09 -22.83 19.78
C LYS A 274 -8.73 -24.07 20.40
N ASP A 275 -10.06 -24.12 20.42
CA ASP A 275 -10.76 -25.26 21.02
C ASP A 275 -10.47 -26.54 20.26
N ILE A 276 -10.52 -26.49 18.93
CA ILE A 276 -10.21 -27.67 18.13
C ILE A 276 -8.75 -28.06 18.30
N THR A 277 -7.86 -27.08 18.36
CA THR A 277 -6.44 -27.38 18.58
C THR A 277 -6.24 -28.11 19.89
N HIS A 278 -6.91 -27.66 20.94
CA HIS A 278 -6.71 -28.24 22.27
C HIS A 278 -7.39 -29.60 22.39
N ASN A 279 -8.64 -29.70 21.95
CA ASN A 279 -9.45 -30.89 22.20
C ASN A 279 -9.34 -31.95 21.11
N ILE A 280 -8.87 -31.60 19.91
CA ILE A 280 -8.77 -32.59 18.85
C ILE A 280 -7.31 -32.87 18.52
N HIS A 281 -6.59 -31.86 18.03
CA HIS A 281 -5.25 -32.08 17.51
C HIS A 281 -4.27 -32.37 18.64
N TYR A 282 -4.28 -31.56 19.70
CA TYR A 282 -3.35 -31.77 20.80
C TYR A 282 -3.66 -33.08 21.53
N GLU A 283 -4.95 -33.37 21.75
CA GLU A 283 -5.30 -34.61 22.42
C GLU A 283 -4.88 -35.82 21.60
N ASN A 284 -5.03 -35.74 20.27
CA ASN A 284 -4.53 -36.81 19.41
C ASN A 284 -3.02 -36.98 19.59
N TYR A 285 -2.28 -35.87 19.68
CA TYR A 285 -0.85 -35.95 19.94
C TYR A 285 -0.58 -36.52 21.33
N ARG A 286 -1.35 -36.07 22.33
CA ARG A 286 -1.11 -36.50 23.71
C ARG A 286 -1.42 -37.99 23.89
N VAL A 287 -2.52 -38.45 23.30
CA VAL A 287 -2.91 -39.85 23.47
C VAL A 287 -1.88 -40.78 22.82
N ILE A 288 -1.48 -40.48 21.59
CA ILE A 288 -0.52 -41.32 20.88
C ILE A 288 0.81 -41.36 21.62
N ARG A 289 1.37 -40.17 21.91
CA ARG A 289 2.73 -40.10 22.41
C ARG A 289 2.86 -40.65 23.83
N LEU A 290 1.81 -40.53 24.65
CA LEU A 290 1.87 -41.09 25.99
C LEU A 290 1.97 -42.61 25.98
N ASN A 291 1.69 -43.24 24.84
CA ASN A 291 1.83 -44.69 24.72
C ASN A 291 2.91 -45.06 23.72
N GLY B 22 -21.31 24.62 29.84
CA GLY B 22 -22.73 24.68 29.53
C GLY B 22 -23.23 23.45 28.80
N PHE B 23 -24.39 23.57 28.16
CA PHE B 23 -24.96 22.47 27.39
C PHE B 23 -24.06 22.16 26.21
N GLU B 24 -23.77 20.87 26.01
CA GLU B 24 -22.93 20.44 24.89
C GLU B 24 -23.79 20.24 23.64
N PHE B 25 -23.30 20.74 22.51
CA PHE B 25 -23.96 20.55 21.24
C PHE B 25 -22.90 20.53 20.15
N ASN B 26 -22.90 19.49 19.33
CA ASN B 26 -21.82 19.23 18.38
C ASN B 26 -22.37 19.18 16.96
N ILE B 27 -21.77 19.96 16.07
CA ILE B 27 -22.15 20.07 14.66
C ILE B 27 -20.96 19.67 13.82
N MET B 28 -21.24 19.15 12.62
CA MET B 28 -20.21 18.85 11.64
C MET B 28 -20.66 19.35 10.27
N VAL B 29 -19.75 19.99 9.53
CA VAL B 29 -20.02 20.42 8.17
C VAL B 29 -19.40 19.41 7.21
N VAL B 30 -20.16 19.07 6.17
CA VAL B 30 -19.79 18.01 5.23
C VAL B 30 -20.14 18.48 3.82
N GLY B 31 -19.27 18.19 2.87
CA GLY B 31 -19.59 18.50 1.48
C GLY B 31 -18.38 18.56 0.60
N GLN B 32 -18.65 18.75 -0.69
CA GLN B 32 -17.61 18.92 -1.69
C GLN B 32 -16.69 20.07 -1.31
N SER B 33 -15.42 19.96 -1.70
CA SER B 33 -14.47 21.03 -1.47
C SER B 33 -14.90 22.32 -2.14
N GLY B 34 -14.70 23.44 -1.44
CA GLY B 34 -14.97 24.74 -2.03
C GLY B 34 -16.40 25.21 -1.99
N LEU B 35 -17.20 24.72 -1.05
CA LEU B 35 -18.59 25.11 -0.93
C LEU B 35 -18.83 26.07 0.24
N GLY B 36 -17.77 26.58 0.85
CA GLY B 36 -17.92 27.51 1.96
C GLY B 36 -18.19 26.86 3.30
N LYS B 37 -17.78 25.60 3.49
CA LYS B 37 -18.03 24.92 4.76
C LYS B 37 -17.26 25.58 5.90
N SER B 38 -15.95 25.78 5.71
CA SER B 38 -15.15 26.44 6.74
C SER B 38 -15.63 27.85 6.99
N THR B 39 -16.05 28.56 5.94
CA THR B 39 -16.62 29.89 6.12
C THR B 39 -17.90 29.83 6.95
N MET B 40 -18.73 28.80 6.71
CA MET B 40 -19.95 28.64 7.49
C MET B 40 -19.65 28.35 8.96
N VAL B 41 -18.54 27.66 9.24
CA VAL B 41 -18.15 27.43 10.63
C VAL B 41 -17.92 28.74 11.35
N ASN B 42 -17.18 29.65 10.70
CA ASN B 42 -16.96 30.96 11.30
C ASN B 42 -18.24 31.78 11.37
N THR B 43 -19.15 31.62 10.40
CA THR B 43 -20.41 32.35 10.43
C THR B 43 -21.25 31.96 11.64
N LEU B 44 -21.25 30.67 12.00
CA LEU B 44 -22.02 30.23 13.16
C LEU B 44 -21.46 30.82 14.45
N PHE B 45 -20.14 30.80 14.62
CA PHE B 45 -19.54 31.33 15.83
C PHE B 45 -19.59 32.86 15.87
N LYS B 46 -19.53 33.52 14.72
CA LYS B 46 -19.51 34.98 14.67
C LYS B 46 -20.92 35.58 14.59
N SER B 47 -21.97 34.77 14.68
CA SER B 47 -23.32 35.28 14.53
C SER B 47 -23.61 36.38 15.54
N LYS B 48 -24.33 37.41 15.08
CA LYS B 48 -24.67 38.56 15.93
C LYS B 48 -25.73 38.23 16.96
N VAL B 49 -26.25 37.01 16.98
CA VAL B 49 -27.23 36.63 17.99
C VAL B 49 -26.56 36.38 19.35
N TRP B 50 -25.31 35.92 19.34
CA TRP B 50 -24.66 35.57 20.60
C TRP B 50 -24.26 36.83 21.37
N LYS B 51 -24.08 36.63 22.68
CA LYS B 51 -23.66 37.73 23.54
C LYS B 51 -22.21 38.13 23.28
N SER B 52 -21.34 37.15 23.07
CA SER B 52 -19.94 37.39 22.74
C SER B 52 -19.53 36.49 21.59
N ASN B 53 -18.47 36.90 20.90
CA ASN B 53 -17.96 36.14 19.77
C ASN B 53 -16.49 35.81 19.97
N PRO B 54 -16.06 34.61 19.59
CA PRO B 54 -14.64 34.27 19.73
C PRO B 54 -13.80 35.02 18.72
N PRO B 55 -12.57 35.41 19.09
CA PRO B 55 -11.68 36.14 18.17
C PRO B 55 -11.05 35.25 17.12
N PRO B 60 -5.33 33.46 7.39
CA PRO B 60 -6.54 33.22 6.59
C PRO B 60 -7.13 31.84 6.81
N THR B 61 -8.14 31.49 6.02
CA THR B 61 -8.78 30.17 6.09
C THR B 61 -8.42 29.36 4.86
N PRO B 62 -7.46 28.44 4.95
CA PRO B 62 -7.00 27.72 3.78
C PRO B 62 -7.90 26.53 3.48
N GLN B 63 -7.54 25.79 2.43
CA GLN B 63 -8.22 24.54 2.12
C GLN B 63 -8.06 23.56 3.29
N THR B 64 -9.19 23.06 3.79
CA THR B 64 -9.18 22.19 4.95
C THR B 64 -8.64 20.82 4.56
N LEU B 65 -7.48 20.45 5.11
CA LEU B 65 -6.84 19.19 4.78
C LEU B 65 -7.08 18.09 5.81
N GLN B 66 -7.47 18.44 7.03
CA GLN B 66 -7.70 17.45 8.07
C GLN B 66 -9.01 17.76 8.79
N LEU B 67 -9.64 16.72 9.33
CA LEU B 67 -10.74 16.93 10.25
C LEU B 67 -10.24 17.65 11.50
N HIS B 68 -10.99 18.66 11.93
CA HIS B 68 -10.60 19.40 13.13
C HIS B 68 -11.82 20.11 13.70
N SER B 69 -11.88 20.17 15.02
CA SER B 69 -13.05 20.64 15.74
C SER B 69 -12.74 21.94 16.47
N LEU B 70 -13.70 22.87 16.44
CA LEU B 70 -13.61 24.15 17.13
C LEU B 70 -14.67 24.18 18.22
N THR B 71 -14.24 24.42 19.46
CA THR B 71 -15.13 24.46 20.61
C THR B 71 -15.12 25.87 21.20
N HIS B 72 -16.30 26.48 21.27
CA HIS B 72 -16.46 27.77 21.93
C HIS B 72 -17.77 27.78 22.68
N VAL B 73 -17.78 28.49 23.80
CA VAL B 73 -18.99 28.61 24.63
C VAL B 73 -19.73 29.87 24.21
N ILE B 74 -20.84 29.69 23.52
CA ILE B 74 -21.69 30.80 23.10
C ILE B 74 -22.86 30.90 24.06
N GLU B 75 -23.50 32.06 24.08
CA GLU B 75 -24.57 32.34 25.03
C GLU B 75 -25.60 33.24 24.39
N GLU B 76 -26.88 32.92 24.62
CA GLU B 76 -27.99 33.77 24.20
C GLU B 76 -29.05 33.75 25.27
N LYS B 77 -29.39 34.94 25.79
CA LYS B 77 -30.46 35.10 26.78
C LYS B 77 -30.19 34.28 28.04
N GLY B 78 -28.92 34.24 28.47
CA GLY B 78 -28.54 33.58 29.69
C GLY B 78 -28.21 32.11 29.54
N VAL B 79 -28.55 31.48 28.42
CA VAL B 79 -28.31 30.05 28.22
C VAL B 79 -26.93 29.87 27.58
N LYS B 80 -25.99 29.36 28.35
CA LYS B 80 -24.67 29.06 27.82
C LYS B 80 -24.69 27.73 27.06
N LEU B 81 -24.07 27.73 25.89
CA LEU B 81 -23.99 26.54 25.05
C LEU B 81 -22.53 26.30 24.70
N LYS B 82 -22.02 25.12 25.08
CA LYS B 82 -20.69 24.68 24.68
C LYS B 82 -20.81 24.11 23.28
N LEU B 83 -20.55 24.94 22.27
CA LEU B 83 -20.78 24.59 20.88
C LEU B 83 -19.48 24.12 20.23
N THR B 84 -19.49 22.89 19.72
CA THR B 84 -18.38 22.34 18.96
C THR B 84 -18.82 22.15 17.52
N VAL B 85 -18.05 22.70 16.59
CA VAL B 85 -18.27 22.51 15.17
C VAL B 85 -17.05 21.80 14.60
N THR B 86 -17.27 20.64 14.00
CA THR B 86 -16.20 19.87 13.37
C THR B 86 -16.15 20.22 11.88
N ASP B 87 -15.03 20.79 11.45
CA ASP B 87 -14.78 21.07 10.05
C ASP B 87 -14.13 19.86 9.41
N THR B 88 -14.47 19.60 8.15
CA THR B 88 -14.01 18.41 7.47
C THR B 88 -13.41 18.77 6.12
N PRO B 89 -12.42 17.99 5.66
CA PRO B 89 -11.91 18.21 4.30
C PRO B 89 -12.98 17.90 3.26
N GLY B 90 -13.05 18.75 2.24
CA GLY B 90 -13.95 18.48 1.14
C GLY B 90 -13.56 17.23 0.38
N PHE B 91 -14.53 16.69 -0.33
CA PHE B 91 -14.35 15.52 -1.17
C PHE B 91 -14.80 15.84 -2.59
N GLY B 92 -14.70 14.85 -3.47
CA GLY B 92 -15.19 14.98 -4.83
C GLY B 92 -14.23 15.60 -5.82
N ASP B 93 -12.95 15.72 -5.47
CA ASP B 93 -11.96 16.31 -6.36
C ASP B 93 -11.10 15.28 -7.09
N GLN B 94 -11.30 14.00 -6.83
CA GLN B 94 -10.43 12.97 -7.38
C GLN B 94 -11.06 12.35 -8.62
N ILE B 95 -10.22 11.61 -9.36
CA ILE B 95 -10.73 10.79 -10.45
C ILE B 95 -11.74 9.79 -9.92
N ASN B 96 -11.36 9.03 -8.89
CA ASN B 96 -12.23 8.05 -8.25
C ASN B 96 -12.43 8.49 -6.80
N ASN B 97 -13.68 8.87 -6.48
CA ASN B 97 -14.02 9.33 -5.14
C ASN B 97 -14.60 8.23 -4.26
N ASP B 98 -14.46 6.96 -4.66
CA ASP B 98 -15.06 5.87 -3.90
C ASP B 98 -14.55 5.86 -2.47
N ASN B 99 -15.47 5.65 -1.53
CA ASN B 99 -15.20 5.54 -0.10
C ASN B 99 -14.75 6.85 0.53
N CYS B 100 -14.97 7.99 -0.14
CA CYS B 100 -14.59 9.27 0.44
C CYS B 100 -15.41 9.62 1.68
N TRP B 101 -16.46 8.86 1.98
CA TRP B 101 -17.26 9.03 3.19
C TRP B 101 -16.64 8.38 4.41
N ASP B 102 -15.62 7.55 4.24
CA ASP B 102 -15.07 6.80 5.37
C ASP B 102 -14.56 7.70 6.50
N PRO B 103 -13.79 8.77 6.25
CA PRO B 103 -13.30 9.57 7.39
C PRO B 103 -14.40 10.21 8.21
N ILE B 104 -15.45 10.71 7.56
CA ILE B 104 -16.52 11.38 8.30
C ILE B 104 -17.37 10.36 9.06
N LEU B 105 -17.73 9.25 8.41
CA LEU B 105 -18.41 8.18 9.12
C LEU B 105 -17.54 7.60 10.23
N GLY B 106 -16.22 7.54 10.00
CA GLY B 106 -15.33 7.04 11.03
C GLY B 106 -15.29 7.94 12.25
N TYR B 107 -15.30 9.26 12.03
CA TYR B 107 -15.34 10.18 13.16
C TYR B 107 -16.65 10.04 13.93
N ILE B 108 -17.77 9.96 13.21
CA ILE B 108 -19.07 9.81 13.85
C ILE B 108 -19.10 8.55 14.71
N ASN B 109 -18.66 7.43 14.15
CA ASN B 109 -18.67 6.17 14.89
C ASN B 109 -17.70 6.19 16.05
N GLU B 110 -16.59 6.92 15.92
CA GLU B 110 -15.62 7.00 17.02
C GLU B 110 -16.22 7.69 18.24
N GLN B 111 -17.01 8.74 18.03
CA GLN B 111 -17.64 9.40 19.17
C GLN B 111 -18.67 8.48 19.83
N TYR B 112 -19.40 7.71 19.02
CA TYR B 112 -20.30 6.71 19.58
C TYR B 112 -19.54 5.69 20.41
N GLU B 113 -18.41 5.21 19.89
CA GLU B 113 -17.63 4.20 20.60
C GLU B 113 -17.08 4.74 21.91
N GLN B 114 -16.59 5.98 21.89
CA GLN B 114 -16.10 6.59 23.13
C GLN B 114 -17.22 6.71 24.15
N TYR B 115 -18.40 7.12 23.72
CA TYR B 115 -19.54 7.21 24.63
C TYR B 115 -19.91 5.84 25.18
N LEU B 116 -19.90 4.82 24.31
CA LEU B 116 -20.28 3.47 24.75
C LEU B 116 -19.28 2.91 25.75
N GLN B 117 -17.98 3.10 25.50
CA GLN B 117 -16.98 2.59 26.43
C GLN B 117 -17.08 3.25 27.79
N GLU B 118 -17.59 4.49 27.85
CA GLU B 118 -17.82 5.14 29.13
C GLU B 118 -19.07 4.61 29.81
N GLU B 119 -20.14 4.41 29.04
CA GLU B 119 -21.42 3.99 29.60
C GLU B 119 -21.33 2.59 30.23
N ILE B 120 -20.52 1.71 29.64
CA ILE B 120 -20.48 0.32 30.11
C ILE B 120 -19.61 0.11 31.33
N LEU B 121 -18.78 1.08 31.69
CA LEU B 121 -17.93 0.94 32.87
C LEU B 121 -18.77 0.84 34.12
N ILE B 122 -18.34 -0.02 35.05
CA ILE B 122 -19.00 -0.09 36.36
C ILE B 122 -18.75 1.20 37.13
N THR B 123 -17.48 1.53 37.35
CA THR B 123 -17.10 2.83 37.90
C THR B 123 -16.93 3.77 36.71
N ARG B 124 -18.01 4.41 36.30
CA ARG B 124 -18.02 5.29 35.14
C ARG B 124 -18.11 6.74 35.59
N GLN B 125 -17.81 7.64 34.65
CA GLN B 125 -17.90 9.06 34.93
C GLN B 125 -19.35 9.45 35.19
N ARG B 126 -19.55 10.31 36.19
CA ARG B 126 -20.89 10.78 36.50
C ARG B 126 -21.42 11.68 35.40
N HIS B 127 -20.54 12.37 34.67
CA HIS B 127 -20.92 13.18 33.51
C HIS B 127 -20.04 12.73 32.35
N ILE B 128 -20.59 11.88 31.49
CA ILE B 128 -19.89 11.39 30.32
C ILE B 128 -19.80 12.52 29.31
N PRO B 129 -18.61 12.96 28.91
CA PRO B 129 -18.50 14.00 27.88
C PRO B 129 -19.16 13.55 26.59
N ASP B 130 -20.04 14.38 26.06
CA ASP B 130 -20.79 14.07 24.85
C ASP B 130 -20.12 14.77 23.68
N THR B 131 -19.30 14.02 22.95
CA THR B 131 -18.67 14.49 21.72
C THR B 131 -19.40 14.00 20.48
N ARG B 132 -20.54 13.32 20.64
CA ARG B 132 -21.26 12.76 19.51
C ARG B 132 -21.80 13.86 18.62
N VAL B 133 -21.71 13.64 17.30
CA VAL B 133 -22.22 14.61 16.35
C VAL B 133 -23.75 14.59 16.40
N HIS B 134 -24.34 15.71 16.79
CA HIS B 134 -25.79 15.82 16.89
C HIS B 134 -26.46 16.26 15.60
N CYS B 135 -25.71 16.87 14.68
CA CYS B 135 -26.26 17.20 13.37
C CYS B 135 -25.13 17.44 12.39
N CYS B 136 -25.28 16.88 11.19
CA CYS B 136 -24.42 17.16 10.06
C CYS B 136 -25.13 18.14 9.13
N VAL B 137 -24.45 19.22 8.78
CA VAL B 137 -24.93 20.14 7.76
C VAL B 137 -24.23 19.77 6.46
N TYR B 138 -25.00 19.27 5.50
CA TYR B 138 -24.46 18.73 4.26
C TYR B 138 -24.61 19.77 3.14
N PHE B 139 -23.47 20.17 2.58
CA PHE B 139 -23.44 21.24 1.58
C PHE B 139 -23.57 20.65 0.19
N VAL B 140 -24.60 21.06 -0.54
CA VAL B 140 -24.83 20.61 -1.91
C VAL B 140 -24.34 21.70 -2.86
N PRO B 141 -23.58 21.36 -3.90
CA PRO B 141 -23.12 22.39 -4.85
C PRO B 141 -24.28 23.09 -5.52
N PRO B 142 -24.20 24.44 -5.72
CA PRO B 142 -25.29 25.19 -6.35
C PRO B 142 -25.26 25.10 -7.88
N THR B 143 -25.39 23.88 -8.39
CA THR B 143 -25.36 23.67 -9.83
C THR B 143 -26.66 24.05 -10.51
N GLY B 144 -27.77 24.11 -9.77
CA GLY B 144 -29.06 24.36 -10.37
C GLY B 144 -29.65 23.18 -11.09
N HIS B 145 -29.04 22.01 -11.00
CA HIS B 145 -29.54 20.83 -11.70
C HIS B 145 -30.24 19.88 -10.72
N CYS B 146 -29.60 18.77 -10.39
CA CYS B 146 -30.16 17.78 -9.48
CA CYS B 146 -30.16 17.79 -9.46
C CYS B 146 -29.05 17.29 -8.55
N LEU B 147 -29.41 16.37 -7.65
CA LEU B 147 -28.42 15.77 -6.77
C LEU B 147 -27.49 14.87 -7.56
N ARG B 148 -26.18 15.05 -7.39
CA ARG B 148 -25.21 14.25 -8.11
C ARG B 148 -25.15 12.85 -7.50
N PRO B 149 -24.80 11.84 -8.29
CA PRO B 149 -24.67 10.47 -7.74
C PRO B 149 -23.73 10.38 -6.54
N LEU B 150 -22.65 11.14 -6.53
CA LEU B 150 -21.73 11.11 -5.40
C LEU B 150 -22.41 11.58 -4.12
N ASP B 151 -23.10 12.72 -4.20
CA ASP B 151 -23.82 13.22 -3.02
C ASP B 151 -24.95 12.29 -2.61
N ILE B 152 -25.61 11.65 -3.58
CA ILE B 152 -26.65 10.69 -3.25
C ILE B 152 -26.08 9.54 -2.44
N GLU B 153 -24.97 8.96 -2.91
CA GLU B 153 -24.32 7.87 -2.19
C GLU B 153 -23.87 8.32 -0.81
N PHE B 154 -23.25 9.50 -0.72
CA PHE B 154 -22.78 10.02 0.55
C PHE B 154 -23.94 10.24 1.51
N LEU B 155 -25.03 10.85 1.02
CA LEU B 155 -26.16 11.16 1.90
C LEU B 155 -26.86 9.90 2.39
N GLN B 156 -26.99 8.88 1.53
CA GLN B 156 -27.63 7.65 1.96
C GLN B 156 -26.86 7.01 3.10
N ARG B 157 -25.52 7.02 3.04
CA ARG B 157 -24.73 6.43 4.11
C ARG B 157 -24.72 7.31 5.35
N LEU B 158 -24.71 8.63 5.18
CA LEU B 158 -24.70 9.55 6.32
C LEU B 158 -25.99 9.44 7.13
N CYS B 159 -27.14 9.47 6.46
CA CYS B 159 -28.42 9.52 7.17
C CYS B 159 -28.71 8.27 7.99
N ARG B 160 -28.03 7.16 7.70
CA ARG B 160 -28.24 5.95 8.49
C ARG B 160 -27.62 6.03 9.88
N THR B 161 -26.76 7.00 10.15
CA THR B 161 -26.03 7.07 11.40
C THR B 161 -26.06 8.42 12.10
N VAL B 162 -26.59 9.47 11.47
CA VAL B 162 -26.51 10.80 12.04
C VAL B 162 -27.63 11.65 11.47
N ASN B 163 -28.02 12.69 12.21
CA ASN B 163 -28.95 13.68 11.68
C ASN B 163 -28.26 14.51 10.61
N VAL B 164 -28.93 14.70 9.47
CA VAL B 164 -28.36 15.44 8.35
C VAL B 164 -29.36 16.50 7.92
N VAL B 165 -28.91 17.76 7.88
CA VAL B 165 -29.66 18.85 7.29
C VAL B 165 -28.90 19.30 6.04
N PRO B 166 -29.43 19.08 4.85
CA PRO B 166 -28.77 19.58 3.64
C PRO B 166 -29.04 21.06 3.42
N VAL B 167 -28.07 21.71 2.78
CA VAL B 167 -28.20 23.11 2.39
C VAL B 167 -27.64 23.27 0.99
N ILE B 168 -28.23 24.20 0.24
CA ILE B 168 -27.66 24.62 -1.03
C ILE B 168 -26.54 25.61 -0.71
N ALA B 169 -25.30 25.20 -0.96
CA ALA B 169 -24.15 26.01 -0.58
C ALA B 169 -24.00 27.21 -1.51
N ARG B 170 -23.36 28.25 -1.00
CA ARG B 170 -23.02 29.46 -1.75
C ARG B 170 -24.18 29.88 -2.66
N ALA B 171 -25.36 29.98 -2.06
CA ALA B 171 -26.60 30.14 -2.82
C ALA B 171 -26.72 31.48 -3.51
N ASP B 172 -25.85 32.45 -3.18
CA ASP B 172 -25.84 33.71 -3.91
C ASP B 172 -25.48 33.52 -5.37
N SER B 173 -24.83 32.40 -5.72
CA SER B 173 -24.53 32.13 -7.12
C SER B 173 -25.76 31.77 -7.93
N LEU B 174 -26.92 31.65 -7.29
CA LEU B 174 -28.18 31.37 -7.98
C LEU B 174 -29.17 32.50 -7.69
N THR B 175 -30.01 32.79 -8.68
CA THR B 175 -31.09 33.73 -8.46
C THR B 175 -32.09 33.15 -7.46
N MET B 176 -33.00 34.00 -6.98
CA MET B 176 -34.00 33.54 -6.03
C MET B 176 -34.86 32.44 -6.64
N GLU B 177 -35.28 32.62 -7.89
CA GLU B 177 -36.10 31.60 -8.55
C GLU B 177 -35.29 30.33 -8.84
N GLU B 178 -33.98 30.47 -9.05
CA GLU B 178 -33.14 29.28 -9.26
C GLU B 178 -32.94 28.49 -7.97
N ARG B 179 -32.87 29.18 -6.83
CA ARG B 179 -32.78 28.48 -5.55
C ARG B 179 -34.02 27.65 -5.30
N GLU B 180 -35.20 28.23 -5.55
CA GLU B 180 -36.45 27.53 -5.28
C GLU B 180 -36.62 26.32 -6.20
N ALA B 181 -36.31 26.50 -7.49
CA ALA B 181 -36.37 25.37 -8.42
C ALA B 181 -35.36 24.29 -8.03
N PHE B 182 -34.14 24.70 -7.66
CA PHE B 182 -33.14 23.73 -7.23
C PHE B 182 -33.56 23.06 -5.93
N ARG B 183 -34.13 23.83 -5.00
CA ARG B 183 -34.63 23.23 -3.75
C ARG B 183 -35.66 22.15 -4.03
N ARG B 184 -36.60 22.44 -4.95
CA ARG B 184 -37.67 21.47 -5.20
C ARG B 184 -37.15 20.22 -5.92
N ARG B 185 -36.17 20.37 -6.82
CA ARG B 185 -35.61 19.21 -7.48
C ARG B 185 -34.81 18.34 -6.50
N ILE B 186 -34.08 18.97 -5.58
CA ILE B 186 -33.35 18.20 -4.56
C ILE B 186 -34.33 17.42 -3.69
N GLN B 187 -35.43 18.05 -3.28
CA GLN B 187 -36.43 17.37 -2.47
C GLN B 187 -37.00 16.15 -3.21
N GLN B 188 -37.18 16.27 -4.52
CA GLN B 188 -37.64 15.13 -5.31
C GLN B 188 -36.56 14.04 -5.36
N ASN B 189 -35.29 14.43 -5.49
CA ASN B 189 -34.22 13.46 -5.56
C ASN B 189 -34.06 12.70 -4.25
N LEU B 190 -34.20 13.40 -3.12
CA LEU B 190 -34.12 12.75 -1.83
C LEU B 190 -35.19 11.68 -1.66
N ARG B 191 -36.37 11.91 -2.25
CA ARG B 191 -37.45 10.95 -2.13
C ARG B 191 -37.20 9.72 -3.01
N THR B 192 -36.79 9.94 -4.26
CA THR B 192 -36.58 8.81 -5.15
C THR B 192 -35.43 7.92 -4.68
N HIS B 193 -34.43 8.51 -4.02
CA HIS B 193 -33.31 7.74 -3.51
C HIS B 193 -33.43 7.46 -2.01
N CYS B 194 -34.61 7.70 -1.44
CA CYS B 194 -34.96 7.26 -0.08
C CYS B 194 -33.98 7.82 0.96
N ILE B 195 -33.71 9.12 0.86
CA ILE B 195 -32.85 9.81 1.80
C ILE B 195 -33.74 10.56 2.78
N ASP B 196 -33.75 10.11 4.04
CA ASP B 196 -34.62 10.68 5.07
C ASP B 196 -33.78 11.65 5.90
N VAL B 197 -33.74 12.91 5.46
CA VAL B 197 -32.96 13.94 6.15
C VAL B 197 -33.78 14.49 7.31
N TYR B 198 -33.12 15.24 8.18
CA TYR B 198 -33.79 15.87 9.32
C TYR B 198 -34.63 17.06 8.88
N PRO B 199 -35.85 17.20 9.43
CA PRO B 199 -36.48 16.29 10.41
C PRO B 199 -37.13 15.08 9.76
N GLN B 200 -36.74 13.88 10.21
CA GLN B 200 -37.24 12.65 9.62
C GLN B 200 -38.74 12.50 9.87
N MET B 201 -39.47 12.13 8.81
CA MET B 201 -40.92 12.00 8.92
C MET B 201 -41.35 10.82 9.77
N CYS B 202 -40.48 9.83 9.97
CA CYS B 202 -40.84 8.68 10.79
C CYS B 202 -40.93 9.01 12.27
N PHE B 203 -40.48 10.21 12.68
CA PHE B 203 -40.52 10.63 14.08
C PHE B 203 -41.64 11.63 14.34
N ASP B 204 -42.47 11.92 13.34
CA ASP B 204 -43.58 12.87 13.50
C ASP B 204 -44.88 12.09 13.71
N GLU B 205 -45.02 11.54 14.91
CA GLU B 205 -46.23 10.81 15.26
C GLU B 205 -47.32 11.72 15.81
N ASP B 206 -46.94 12.80 16.49
CA ASP B 206 -47.90 13.80 16.93
C ASP B 206 -48.45 14.57 15.74
N ILE B 207 -49.69 15.05 15.88
CA ILE B 207 -50.29 15.85 14.80
C ILE B 207 -49.63 17.21 14.73
N ASN B 208 -49.29 17.80 15.88
CA ASN B 208 -48.55 19.05 15.87
C ASN B 208 -47.14 18.87 15.32
N ASP B 209 -46.54 17.69 15.54
CA ASP B 209 -45.24 17.40 14.97
C ASP B 209 -45.30 17.33 13.44
N LYS B 210 -46.33 16.69 12.90
CA LYS B 210 -46.46 16.60 11.45
C LYS B 210 -46.63 17.98 10.82
N ILE B 211 -47.30 18.90 11.51
CA ILE B 211 -47.54 20.22 10.94
C ILE B 211 -46.29 21.08 11.02
N LEU B 212 -45.66 21.12 12.21
CA LEU B 212 -44.47 21.94 12.37
C LEU B 212 -43.33 21.48 11.47
N ASN B 213 -43.15 20.16 11.36
CA ASN B 213 -42.02 19.65 10.60
C ASN B 213 -42.28 19.62 9.10
N SER B 214 -43.55 19.53 8.68
CA SER B 214 -43.85 19.67 7.26
C SER B 214 -43.47 21.05 6.75
N LYS B 215 -43.83 22.08 7.51
CA LYS B 215 -43.41 23.44 7.15
C LYS B 215 -41.89 23.57 7.18
N LEU B 216 -41.23 22.84 8.07
CA LEU B 216 -39.77 22.89 8.13
C LEU B 216 -39.16 22.10 6.98
N ARG B 217 -39.70 20.91 6.67
CA ARG B 217 -39.19 20.13 5.55
C ARG B 217 -39.37 20.85 4.23
N ASP B 218 -40.37 21.72 4.13
CA ASP B 218 -40.63 22.42 2.87
C ASP B 218 -39.49 23.35 2.50
N ARG B 219 -38.79 23.91 3.48
CA ARG B 219 -37.71 24.84 3.22
C ARG B 219 -36.34 24.16 3.19
N ILE B 220 -36.28 22.86 3.44
CA ILE B 220 -35.02 22.14 3.40
C ILE B 220 -34.86 21.46 2.05
N PRO B 221 -33.70 21.63 1.40
CA PRO B 221 -32.48 22.30 1.86
C PRO B 221 -32.53 23.83 1.87
N PHE B 222 -32.03 24.43 2.95
CA PHE B 222 -31.93 25.88 3.03
C PHE B 222 -30.91 26.40 2.02
N ALA B 223 -31.22 27.53 1.40
CA ALA B 223 -30.30 28.20 0.49
C ALA B 223 -29.48 29.20 1.31
N VAL B 224 -28.27 28.79 1.70
CA VAL B 224 -27.48 29.52 2.67
C VAL B 224 -26.35 30.28 2.00
N VAL B 225 -25.91 31.34 2.66
CA VAL B 225 -24.72 32.09 2.32
C VAL B 225 -23.90 32.26 3.60
N GLY B 226 -22.59 32.10 3.50
CA GLY B 226 -21.71 32.23 4.65
C GLY B 226 -20.88 33.49 4.56
N ALA B 227 -20.46 34.00 5.72
CA ALA B 227 -19.65 35.21 5.76
C ALA B 227 -18.96 35.30 7.12
N ASP B 228 -17.63 35.45 7.09
CA ASP B 228 -16.85 35.68 8.31
C ASP B 228 -16.26 37.08 8.35
N GLN B 229 -16.68 37.96 7.45
CA GLN B 229 -16.26 39.37 7.45
C GLN B 229 -17.41 40.23 7.95
N GLU B 230 -17.07 41.26 8.72
CA GLU B 230 -18.04 42.22 9.21
C GLU B 230 -18.02 43.48 8.36
N HIS B 231 -19.18 44.09 8.19
CA HIS B 231 -19.32 45.29 7.39
C HIS B 231 -20.31 46.23 8.05
N LEU B 232 -20.13 47.53 7.82
CA LEU B 232 -20.99 48.56 8.36
C LEU B 232 -22.12 48.85 7.38
N VAL B 233 -23.36 48.64 7.81
CA VAL B 233 -24.55 48.92 7.02
C VAL B 233 -25.53 49.64 7.93
N ASN B 234 -25.79 50.92 7.63
CA ASN B 234 -26.64 51.77 8.46
C ASN B 234 -26.13 51.83 9.90
N GLY B 235 -24.81 51.98 10.04
CA GLY B 235 -24.20 52.00 11.36
C GLY B 235 -24.19 50.67 12.07
N ARG B 236 -24.76 49.62 11.49
CA ARG B 236 -24.78 48.30 12.10
C ARG B 236 -23.57 47.49 11.64
N CYS B 237 -22.96 46.78 12.57
CA CYS B 237 -21.85 45.88 12.27
C CYS B 237 -22.45 44.49 12.04
N VAL B 238 -22.61 44.11 10.78
CA VAL B 238 -23.30 42.88 10.42
C VAL B 238 -22.36 41.99 9.59
N LEU B 239 -22.59 40.69 9.66
CA LEU B 239 -21.88 39.75 8.82
C LEU B 239 -22.38 39.83 7.39
N GLY B 240 -21.48 39.83 6.43
CA GLY B 240 -21.88 39.95 5.05
C GLY B 240 -20.75 39.63 4.09
N ARG B 241 -21.14 39.38 2.84
CA ARG B 241 -20.19 39.21 1.75
C ARG B 241 -20.22 40.50 0.92
N LYS B 242 -19.13 41.26 0.98
CA LYS B 242 -19.01 42.48 0.20
C LYS B 242 -18.60 42.12 -1.22
N THR B 243 -19.41 42.52 -2.19
CA THR B 243 -19.08 42.42 -3.60
C THR B 243 -19.06 43.81 -4.20
N LYS B 244 -18.65 43.90 -5.47
CA LYS B 244 -18.74 45.17 -6.18
C LYS B 244 -20.18 45.63 -6.35
N TRP B 245 -21.14 44.71 -6.24
CA TRP B 245 -22.54 45.04 -6.42
C TRP B 245 -23.26 45.39 -5.12
N GLY B 246 -22.73 44.98 -3.97
CA GLY B 246 -23.35 45.30 -2.72
C GLY B 246 -22.82 44.39 -1.61
N ILE B 247 -23.62 44.25 -0.56
CA ILE B 247 -23.29 43.42 0.59
C ILE B 247 -24.43 42.42 0.80
N ILE B 248 -24.09 41.13 0.74
CA ILE B 248 -25.05 40.08 1.01
C ILE B 248 -25.01 39.82 2.52
N GLU B 249 -26.04 40.30 3.23
CA GLU B 249 -26.13 40.15 4.68
C GLU B 249 -26.65 38.76 5.00
N VAL B 250 -25.78 37.89 5.52
CA VAL B 250 -26.12 36.49 5.66
C VAL B 250 -27.13 36.23 6.77
N GLU B 251 -27.24 37.13 7.75
CA GLU B 251 -28.23 36.98 8.81
C GLU B 251 -29.52 37.73 8.51
N ASN B 252 -29.72 38.13 7.26
CA ASN B 252 -30.92 38.84 6.81
C ASN B 252 -31.73 37.88 5.94
N MET B 253 -32.92 37.52 6.41
CA MET B 253 -33.75 36.56 5.68
C MET B 253 -34.10 37.03 4.28
N ALA B 254 -34.10 38.34 4.05
CA ALA B 254 -34.35 38.86 2.71
C ALA B 254 -33.23 38.51 1.74
N HIS B 255 -32.04 38.18 2.24
CA HIS B 255 -30.88 37.91 1.39
C HIS B 255 -30.58 36.42 1.25
N CYS B 256 -30.68 35.65 2.33
CA CYS B 256 -30.45 34.21 2.25
C CYS B 256 -31.18 33.53 3.40
N GLU B 257 -30.98 32.22 3.53
CA GLU B 257 -31.70 31.42 4.52
C GLU B 257 -30.79 30.87 5.61
N PHE B 258 -29.61 31.46 5.79
CA PHE B 258 -28.80 31.12 6.96
C PHE B 258 -29.54 31.30 8.28
N PRO B 259 -30.36 32.34 8.48
CA PRO B 259 -31.14 32.40 9.73
C PRO B 259 -32.00 31.17 9.97
N LEU B 260 -32.54 30.55 8.91
CA LEU B 260 -33.31 29.32 9.10
C LEU B 260 -32.42 28.18 9.59
N LEU B 261 -31.23 28.05 9.00
CA LEU B 261 -30.29 27.02 9.45
C LEU B 261 -29.81 27.33 10.86
N ARG B 262 -29.41 28.58 11.12
CA ARG B 262 -28.92 28.98 12.43
C ARG B 262 -29.96 28.71 13.50
N ASP B 263 -31.21 29.12 13.27
CA ASP B 263 -32.25 28.95 14.26
C ASP B 263 -32.58 27.49 14.50
N LEU B 264 -32.67 26.69 13.43
CA LEU B 264 -32.96 25.27 13.57
C LEU B 264 -31.95 24.60 14.50
N LEU B 265 -30.66 24.75 14.20
CA LEU B 265 -29.63 24.03 14.92
C LEU B 265 -29.54 24.48 16.37
N ILE B 266 -29.47 25.78 16.60
CA ILE B 266 -29.06 26.30 17.90
C ILE B 266 -30.25 26.67 18.78
N ARG B 267 -31.35 27.08 18.16
CA ARG B 267 -32.48 27.66 18.90
C ARG B 267 -33.64 26.69 19.02
N SER B 268 -34.31 26.35 17.93
CA SER B 268 -35.59 25.65 18.00
C SER B 268 -35.44 24.13 18.15
N HIS B 269 -34.58 23.51 17.35
CA HIS B 269 -34.52 22.05 17.27
C HIS B 269 -33.26 21.47 17.89
N LEU B 270 -32.57 22.24 18.73
CA LEU B 270 -31.32 21.75 19.33
C LEU B 270 -31.58 20.49 20.15
N GLN B 271 -32.56 20.53 21.06
CA GLN B 271 -32.78 19.38 21.93
C GLN B 271 -33.30 18.17 21.17
N ASP B 272 -34.19 18.40 20.20
CA ASP B 272 -34.70 17.29 19.39
C ASP B 272 -33.55 16.59 18.65
N LEU B 273 -32.62 17.36 18.09
CA LEU B 273 -31.47 16.77 17.43
C LEU B 273 -30.65 15.93 18.41
N LYS B 274 -30.42 16.45 19.61
CA LYS B 274 -29.70 15.67 20.62
C LYS B 274 -30.49 14.43 21.02
N ASP B 275 -31.81 14.58 21.19
CA ASP B 275 -32.64 13.44 21.60
C ASP B 275 -32.56 12.31 20.59
N ILE B 276 -32.67 12.63 19.29
CA ILE B 276 -32.60 11.60 18.26
C ILE B 276 -31.21 10.97 18.25
N THR B 277 -30.16 11.79 18.40
CA THR B 277 -28.81 11.26 18.42
C THR B 277 -28.64 10.25 19.54
N HIS B 278 -29.08 10.61 20.75
CA HIS B 278 -28.90 9.76 21.92
C HIS B 278 -29.82 8.54 21.86
N ASN B 279 -31.09 8.76 21.55
CA ASN B 279 -32.10 7.71 21.65
C ASN B 279 -32.22 6.85 20.39
N ILE B 280 -31.80 7.34 19.23
CA ILE B 280 -31.95 6.59 17.99
C ILE B 280 -30.58 6.19 17.47
N HIS B 281 -29.79 7.17 17.03
CA HIS B 281 -28.56 6.89 16.32
C HIS B 281 -27.54 6.19 17.21
N TYR B 282 -27.27 6.75 18.39
CA TYR B 282 -26.33 6.10 19.29
C TYR B 282 -26.85 4.75 19.76
N GLU B 283 -28.16 4.65 20.01
CA GLU B 283 -28.73 3.39 20.48
C GLU B 283 -28.61 2.31 19.42
N ASN B 284 -28.77 2.68 18.14
CA ASN B 284 -28.55 1.71 17.07
C ASN B 284 -27.11 1.23 17.04
N TYR B 285 -26.16 2.16 17.16
CA TYR B 285 -24.75 1.78 17.25
C TYR B 285 -24.51 0.84 18.42
N ARG B 286 -25.08 1.17 19.59
CA ARG B 286 -24.85 0.40 20.80
C ARG B 286 -25.37 -1.03 20.65
N VAL B 287 -26.52 -1.20 19.99
CA VAL B 287 -27.11 -2.53 19.85
C VAL B 287 -26.21 -3.43 19.01
N ILE B 288 -25.67 -2.89 17.90
CA ILE B 288 -24.79 -3.69 17.05
C ILE B 288 -23.52 -4.07 17.80
N ARG B 289 -22.91 -3.09 18.48
CA ARG B 289 -21.65 -3.34 19.18
C ARG B 289 -21.83 -4.35 20.31
N LEU B 290 -22.88 -4.19 21.12
CA LEU B 290 -23.06 -5.06 22.27
C LEU B 290 -23.52 -6.46 21.87
N ASN B 291 -24.08 -6.63 20.68
CA ASN B 291 -24.46 -7.95 20.20
C ASN B 291 -23.33 -8.65 19.45
N GLU B 292 -22.31 -7.93 19.02
CA GLU B 292 -21.18 -8.54 18.33
C GLU B 292 -19.96 -8.62 19.22
N PHE C 23 18.09 18.44 -11.21
CA PHE C 23 18.66 18.95 -9.98
C PHE C 23 17.81 18.55 -8.78
N GLU C 24 18.20 17.44 -8.14
CA GLU C 24 17.45 16.87 -7.04
C GLU C 24 18.33 16.73 -5.81
N PHE C 25 17.67 16.65 -4.65
CA PHE C 25 18.37 16.57 -3.38
C PHE C 25 17.51 15.78 -2.42
N ASN C 26 18.12 14.80 -1.75
CA ASN C 26 17.38 13.85 -0.91
C ASN C 26 17.91 13.92 0.52
N ILE C 27 16.99 14.10 1.48
CA ILE C 27 17.30 14.18 2.89
C ILE C 27 16.55 13.06 3.61
N MET C 28 17.08 12.65 4.75
CA MET C 28 16.41 11.68 5.60
C MET C 28 16.52 12.13 7.05
N VAL C 29 15.42 12.01 7.79
CA VAL C 29 15.39 12.30 9.22
C VAL C 29 15.35 10.97 9.98
N VAL C 30 16.21 10.83 10.99
CA VAL C 30 16.24 9.64 11.83
C VAL C 30 16.50 10.06 13.27
N GLY C 31 16.09 9.21 14.19
CA GLY C 31 16.28 9.47 15.60
C GLY C 31 15.23 8.78 16.44
N GLN C 32 15.41 8.89 17.75
CA GLN C 32 14.47 8.33 18.72
C GLN C 32 13.05 8.77 18.41
N SER C 33 12.09 7.90 18.72
CA SER C 33 10.69 8.25 18.55
C SER C 33 10.32 9.45 19.42
N GLY C 34 9.44 10.30 18.89
CA GLY C 34 8.93 11.42 19.65
C GLY C 34 9.85 12.61 19.74
N LEU C 35 10.77 12.77 18.80
CA LEU C 35 11.69 13.91 18.80
C LEU C 35 11.28 15.00 17.83
N GLY C 36 10.12 14.88 17.19
CA GLY C 36 9.68 15.88 16.24
C GLY C 36 10.20 15.70 14.83
N LYS C 37 10.58 14.48 14.45
CA LYS C 37 11.12 14.26 13.10
C LYS C 37 10.08 14.57 12.03
N SER C 38 8.88 14.01 12.16
CA SER C 38 7.84 14.24 11.17
C SER C 38 7.44 15.72 11.13
N THR C 39 7.38 16.37 12.28
CA THR C 39 7.12 17.80 12.31
C THR C 39 8.20 18.56 11.54
N MET C 40 9.46 18.17 11.73
CA MET C 40 10.56 18.86 11.05
C MET C 40 10.46 18.69 9.53
N VAL C 41 10.00 17.52 9.08
CA VAL C 41 9.81 17.30 7.64
C VAL C 41 8.84 18.34 7.08
N ASN C 42 7.71 18.56 7.77
CA ASN C 42 6.78 19.58 7.32
C ASN C 42 7.38 20.97 7.42
N THR C 43 8.19 21.21 8.46
CA THR C 43 8.82 22.53 8.61
C THR C 43 9.73 22.85 7.43
N LEU C 44 10.49 21.86 6.97
CA LEU C 44 11.37 22.09 5.82
C LEU C 44 10.56 22.46 4.57
N PHE C 45 9.45 21.78 4.33
CA PHE C 45 8.66 22.06 3.13
C PHE C 45 7.80 23.32 3.27
N LYS C 46 7.40 23.67 4.48
CA LYS C 46 6.54 24.84 4.70
C LYS C 46 7.33 26.11 4.97
N SER C 47 8.65 26.08 4.84
CA SER C 47 9.47 27.25 5.15
C SER C 47 9.05 28.44 4.31
N LYS C 48 9.02 29.62 4.94
CA LYS C 48 8.67 30.85 4.26
C LYS C 48 9.76 31.34 3.31
N VAL C 49 10.89 30.65 3.25
CA VAL C 49 11.94 31.03 2.31
C VAL C 49 11.54 30.70 0.89
N TRP C 50 10.82 29.59 0.69
CA TRP C 50 10.43 29.19 -0.65
C TRP C 50 9.34 30.11 -1.20
N LYS C 51 9.25 30.14 -2.53
CA LYS C 51 8.25 30.95 -3.21
C LYS C 51 6.85 30.65 -2.69
N SER C 52 6.35 29.45 -3.00
CA SER C 52 5.10 28.96 -2.45
C SER C 52 5.36 27.64 -1.74
N ASN C 53 4.41 27.24 -0.90
CA ASN C 53 4.53 26.03 -0.13
C ASN C 53 3.39 25.09 -0.46
N PRO C 54 3.67 23.80 -0.69
CA PRO C 54 2.66 22.78 -1.02
C PRO C 54 1.61 22.59 0.08
N THR C 61 0.02 15.17 12.28
CA THR C 61 0.90 14.13 11.79
C THR C 61 1.17 13.11 12.88
N PRO C 62 0.72 11.87 12.66
CA PRO C 62 0.74 10.87 13.74
C PRO C 62 2.08 10.18 13.92
N GLN C 63 2.09 9.13 14.75
CA GLN C 63 3.31 8.37 15.00
C GLN C 63 3.69 7.58 13.76
N THR C 64 4.91 7.81 13.25
CA THR C 64 5.31 7.27 11.96
C THR C 64 5.53 5.76 12.06
N LEU C 65 4.79 5.00 11.26
CA LEU C 65 4.83 3.55 11.29
C LEU C 65 5.76 2.93 10.27
N GLN C 66 5.99 3.60 9.13
CA GLN C 66 6.81 3.05 8.06
C GLN C 66 7.70 4.14 7.49
N LEU C 67 8.77 3.72 6.81
CA LEU C 67 9.55 4.65 6.02
C LEU C 67 8.72 5.14 4.85
N HIS C 68 8.65 6.45 4.68
CA HIS C 68 7.94 7.02 3.55
C HIS C 68 8.66 8.28 3.09
N SER C 69 8.78 8.45 1.78
CA SER C 69 9.50 9.55 1.18
C SER C 69 8.50 10.54 0.59
N LEU C 70 8.73 11.81 0.86
CA LEU C 70 7.88 12.90 0.38
C LEU C 70 8.70 13.80 -0.53
N THR C 71 8.19 14.05 -1.73
CA THR C 71 8.91 14.82 -2.74
C THR C 71 8.06 16.01 -3.18
N HIS C 72 8.64 17.20 -3.09
CA HIS C 72 8.01 18.41 -3.64
C HIS C 72 9.09 19.28 -4.27
N VAL C 73 8.67 20.08 -5.24
CA VAL C 73 9.56 21.05 -5.88
C VAL C 73 9.40 22.38 -5.14
N ILE C 74 10.45 22.80 -4.46
CA ILE C 74 10.50 24.10 -3.83
C ILE C 74 11.30 25.03 -4.72
N GLU C 75 11.17 26.34 -4.48
CA GLU C 75 11.79 27.32 -5.37
C GLU C 75 12.12 28.58 -4.60
N GLU C 76 13.29 29.14 -4.89
CA GLU C 76 13.66 30.47 -4.44
C GLU C 76 14.64 31.06 -5.45
N LYS C 77 14.54 32.38 -5.65
CA LYS C 77 15.40 33.09 -6.59
C LYS C 77 15.32 32.51 -7.99
N GLY C 78 14.15 31.98 -8.35
CA GLY C 78 13.92 31.40 -9.65
C GLY C 78 14.49 30.00 -9.87
N VAL C 79 15.24 29.47 -8.91
CA VAL C 79 15.87 28.16 -9.03
C VAL C 79 14.96 27.12 -8.39
N LYS C 80 14.63 26.08 -9.15
CA LYS C 80 13.71 25.03 -8.70
C LYS C 80 14.50 23.80 -8.29
N LEU C 81 14.14 23.24 -7.13
CA LEU C 81 14.81 22.08 -6.58
C LEU C 81 13.79 21.01 -6.27
N LYS C 82 14.04 19.79 -6.76
CA LYS C 82 13.20 18.63 -6.44
C LYS C 82 13.71 18.04 -5.13
N LEU C 83 13.05 18.39 -4.03
CA LEU C 83 13.50 18.01 -2.68
C LEU C 83 12.70 16.81 -2.21
N THR C 84 13.41 15.73 -1.89
CA THR C 84 12.81 14.55 -1.27
C THR C 84 13.29 14.47 0.18
N VAL C 85 12.36 14.23 1.09
CA VAL C 85 12.66 14.02 2.50
C VAL C 85 12.03 12.71 2.92
N THR C 86 12.85 11.78 3.40
CA THR C 86 12.40 10.46 3.81
C THR C 86 12.19 10.46 5.32
N ASP C 87 10.94 10.35 5.75
CA ASP C 87 10.60 10.24 7.15
C ASP C 87 10.72 8.79 7.59
N THR C 88 11.14 8.59 8.84
CA THR C 88 11.41 7.24 9.31
C THR C 88 10.76 7.01 10.67
N PRO C 89 10.34 5.79 10.96
CA PRO C 89 9.83 5.49 12.30
C PRO C 89 10.94 5.59 13.33
N GLY C 90 10.62 6.21 14.47
CA GLY C 90 11.58 6.34 15.53
C GLY C 90 11.95 5.01 16.14
N PHE C 91 13.14 4.97 16.74
CA PHE C 91 13.63 3.79 17.44
C PHE C 91 13.78 4.10 18.92
N GLY C 92 14.29 3.13 19.67
CA GLY C 92 14.68 3.34 21.04
C GLY C 92 13.58 3.18 22.08
N ASP C 93 12.42 2.64 21.70
CA ASP C 93 11.34 2.42 22.65
C ASP C 93 11.25 0.98 23.15
N GLN C 94 12.04 0.08 22.59
CA GLN C 94 11.95 -1.33 22.93
C GLN C 94 12.88 -1.66 24.10
N ILE C 95 12.66 -2.85 24.67
CA ILE C 95 13.59 -3.37 25.67
C ILE C 95 14.96 -3.58 25.03
N ASN C 96 15.00 -4.25 23.89
CA ASN C 96 16.23 -4.50 23.14
C ASN C 96 16.11 -3.81 21.79
N ASN C 97 16.95 -2.79 21.57
CA ASN C 97 16.95 -2.03 20.32
C ASN C 97 18.00 -2.52 19.34
N ASP C 98 18.55 -3.72 19.55
CA ASP C 98 19.59 -4.21 18.67
C ASP C 98 19.08 -4.29 17.24
N ASN C 99 19.93 -3.89 16.29
CA ASN C 99 19.65 -3.92 14.86
C ASN C 99 18.53 -2.96 14.46
N CYS C 100 18.19 -1.99 15.31
CA CYS C 100 17.16 -1.01 14.93
C CYS C 100 17.62 -0.10 13.80
N TRP C 101 18.91 -0.10 13.48
CA TRP C 101 19.46 0.66 12.36
C TRP C 101 19.30 -0.04 11.02
N ASP C 102 18.85 -1.30 11.01
CA ASP C 102 18.81 -2.07 9.78
C ASP C 102 17.87 -1.46 8.72
N PRO C 103 16.64 -1.07 9.03
CA PRO C 103 15.81 -0.46 7.97
C PRO C 103 16.38 0.80 7.38
N ILE C 104 17.12 1.60 8.17
CA ILE C 104 17.70 2.83 7.65
C ILE C 104 18.90 2.53 6.76
N LEU C 105 19.81 1.70 7.25
CA LEU C 105 20.95 1.30 6.42
C LEU C 105 20.48 0.53 5.20
N GLY C 106 19.43 -0.28 5.34
CA GLY C 106 18.89 -1.00 4.20
C GLY C 106 18.40 -0.06 3.11
N TYR C 107 17.65 0.98 3.50
CA TYR C 107 17.17 1.95 2.53
C TYR C 107 18.33 2.66 1.84
N ILE C 108 19.33 3.09 2.62
CA ILE C 108 20.48 3.78 2.06
C ILE C 108 21.19 2.91 1.02
N ASN C 109 21.40 1.64 1.36
CA ASN C 109 22.09 0.74 0.42
C ASN C 109 21.21 0.41 -0.78
N GLU C 110 19.88 0.42 -0.61
CA GLU C 110 19.00 0.19 -1.75
C GLU C 110 19.16 1.27 -2.80
N GLN C 111 19.30 2.54 -2.37
CA GLN C 111 19.46 3.63 -3.32
C GLN C 111 20.83 3.59 -3.99
N TYR C 112 21.86 3.17 -3.26
CA TYR C 112 23.18 2.99 -3.86
C TYR C 112 23.13 1.89 -4.92
N GLU C 113 22.48 0.76 -4.61
CA GLU C 113 22.38 -0.33 -5.57
C GLU C 113 21.60 0.10 -6.81
N GLN C 114 20.52 0.87 -6.60
CA GLN C 114 19.72 1.34 -7.73
C GLN C 114 20.55 2.24 -8.64
N TYR C 115 21.30 3.17 -8.05
CA TYR C 115 22.17 4.04 -8.85
C TYR C 115 23.24 3.22 -9.56
N LEU C 116 23.79 2.22 -8.89
CA LEU C 116 24.81 1.37 -9.51
C LEU C 116 24.25 0.65 -10.73
N GLN C 117 23.02 0.14 -10.62
CA GLN C 117 22.39 -0.52 -11.77
C GLN C 117 22.10 0.47 -12.88
N GLU C 118 21.61 1.66 -12.53
CA GLU C 118 21.40 2.71 -13.53
C GLU C 118 22.72 3.18 -14.14
N GLU C 119 23.84 3.02 -13.43
CA GLU C 119 25.12 3.52 -13.92
C GLU C 119 25.72 2.57 -14.96
N ILE C 120 25.81 1.28 -14.62
CA ILE C 120 26.36 0.29 -15.54
C ILE C 120 25.30 -0.05 -16.59
N LEU C 121 25.16 0.82 -17.58
CA LEU C 121 24.15 0.65 -18.62
C LEU C 121 24.76 1.17 -19.92
N ILE C 122 24.62 0.38 -21.00
CA ILE C 122 25.35 0.67 -22.24
C ILE C 122 25.01 2.07 -22.76
N THR C 123 23.74 2.46 -22.67
CA THR C 123 23.29 3.75 -23.15
C THR C 123 23.26 4.74 -21.99
N ARG C 124 23.81 5.93 -22.23
CA ARG C 124 23.90 6.96 -21.20
C ARG C 124 22.80 7.99 -21.38
N GLN C 125 22.14 8.34 -20.28
CA GLN C 125 21.15 9.41 -20.26
C GLN C 125 21.71 10.60 -19.50
N ARG C 126 21.28 11.80 -19.90
CA ARG C 126 21.87 13.02 -19.37
C ARG C 126 21.47 13.33 -17.94
N HIS C 127 20.60 12.53 -17.32
CA HIS C 127 20.21 12.77 -15.93
C HIS C 127 19.83 11.41 -15.32
N ILE C 128 20.80 10.76 -14.70
CA ILE C 128 20.53 9.52 -13.97
C ILE C 128 19.64 9.83 -12.78
N PRO C 129 18.51 9.13 -12.62
CA PRO C 129 17.67 9.37 -11.44
C PRO C 129 18.44 9.07 -10.16
N ASP C 130 18.43 10.04 -9.25
CA ASP C 130 19.23 9.98 -8.03
C ASP C 130 18.29 9.98 -6.83
N THR C 131 18.10 8.80 -6.24
CA THR C 131 17.35 8.66 -4.99
C THR C 131 18.26 8.47 -3.78
N ARG C 132 19.57 8.58 -3.97
CA ARG C 132 20.50 8.35 -2.87
C ARG C 132 20.33 9.41 -1.79
N VAL C 133 20.48 8.99 -0.54
CA VAL C 133 20.39 9.92 0.58
C VAL C 133 21.63 10.79 0.59
N HIS C 134 21.45 12.09 0.38
CA HIS C 134 22.57 13.02 0.36
C HIS C 134 22.90 13.58 1.73
N CYS C 135 21.96 13.55 2.67
CA CYS C 135 22.27 13.96 4.03
C CYS C 135 21.22 13.39 4.97
N CYS C 136 21.68 12.91 6.12
CA CYS C 136 20.82 12.40 7.19
CA CYS C 136 20.82 12.41 7.18
C CYS C 136 20.83 13.39 8.34
N VAL C 137 19.64 13.82 8.76
CA VAL C 137 19.48 14.69 9.91
C VAL C 137 19.18 13.79 11.10
N TYR C 138 20.11 13.70 12.04
CA TYR C 138 20.00 12.78 13.17
C TYR C 138 19.53 13.56 14.40
N PHE C 139 18.42 13.13 14.98
CA PHE C 139 17.79 13.85 16.08
C PHE C 139 18.26 13.26 17.41
N VAL C 140 18.83 14.11 18.24
CA VAL C 140 19.35 13.72 19.56
C VAL C 140 18.34 14.20 20.61
N PRO C 141 17.94 13.34 21.54
CA PRO C 141 17.01 13.78 22.60
C PRO C 141 17.63 14.88 23.43
N PRO C 142 16.82 15.96 23.79
CA PRO C 142 17.35 17.09 24.58
C PRO C 142 17.45 16.78 26.07
N THR C 143 18.21 15.74 26.41
CA THR C 143 18.38 15.35 27.80
C THR C 143 19.23 16.36 28.57
N GLY C 144 20.06 17.13 27.89
CA GLY C 144 20.99 18.01 28.57
C GLY C 144 22.19 17.31 29.17
N HIS C 145 22.36 16.01 28.92
CA HIS C 145 23.48 15.28 29.47
C HIS C 145 24.54 15.03 28.42
N CYS C 146 24.64 13.79 27.92
CA CYS C 146 25.66 13.45 26.92
C CYS C 146 25.03 12.53 25.87
N LEU C 147 25.83 12.16 24.88
CA LEU C 147 25.37 11.27 23.82
C LEU C 147 25.08 9.88 24.39
N ARG C 148 23.87 9.40 24.15
CA ARG C 148 23.48 8.08 24.64
C ARG C 148 24.20 6.98 23.88
N PRO C 149 24.54 5.88 24.54
CA PRO C 149 25.23 4.78 23.84
C PRO C 149 24.47 4.26 22.63
N LEU C 150 23.14 4.21 22.69
CA LEU C 150 22.37 3.81 21.52
C LEU C 150 22.58 4.78 20.36
N ASP C 151 22.61 6.08 20.65
CA ASP C 151 22.84 7.06 19.59
C ASP C 151 24.28 7.01 19.08
N ILE C 152 25.23 6.66 19.95
CA ILE C 152 26.62 6.51 19.50
C ILE C 152 26.72 5.38 18.49
N GLU C 153 26.12 4.24 18.80
CA GLU C 153 26.18 3.08 17.90
C GLU C 153 25.50 3.40 16.57
N PHE C 154 24.34 4.05 16.62
CA PHE C 154 23.62 4.38 15.39
C PHE C 154 24.40 5.37 14.54
N LEU C 155 24.97 6.40 15.16
CA LEU C 155 25.73 7.40 14.42
C LEU C 155 27.03 6.83 13.85
N GLN C 156 27.66 5.92 14.56
CA GLN C 156 28.88 5.31 14.05
C GLN C 156 28.61 4.49 12.80
N ARG C 157 27.49 3.76 12.78
CA ARG C 157 27.13 2.98 11.59
C ARG C 157 26.66 3.88 10.46
N LEU C 158 25.93 4.95 10.79
CA LEU C 158 25.41 5.85 9.76
C LEU C 158 26.54 6.58 9.04
N CYS C 159 27.44 7.21 9.79
CA CYS C 159 28.46 8.05 9.19
C CYS C 159 29.41 7.27 8.28
N ARG C 160 29.45 5.95 8.41
CA ARG C 160 30.27 5.14 7.52
C ARG C 160 29.70 5.10 6.10
N THR C 161 28.44 5.47 5.92
CA THR C 161 27.78 5.33 4.61
C THR C 161 27.09 6.59 4.10
N VAL C 162 26.76 7.56 4.96
CA VAL C 162 26.02 8.75 4.55
CA VAL C 162 26.04 8.76 4.53
C VAL C 162 26.55 9.95 5.31
N ASN C 163 26.36 11.15 4.74
CA ASN C 163 26.57 12.38 5.47
C ASN C 163 25.53 12.50 6.58
N VAL C 164 25.97 12.94 7.76
CA VAL C 164 25.09 13.06 8.91
C VAL C 164 25.29 14.44 9.54
N VAL C 165 24.19 15.15 9.75
CA VAL C 165 24.18 16.38 10.53
C VAL C 165 23.30 16.15 11.75
N PRO C 166 23.87 16.06 12.95
CA PRO C 166 23.05 15.89 14.15
C PRO C 166 22.44 17.20 14.61
N VAL C 167 21.29 17.09 15.26
CA VAL C 167 20.60 18.24 15.83
C VAL C 167 20.11 17.87 17.22
N ILE C 168 20.01 18.89 18.08
CA ILE C 168 19.33 18.73 19.37
C ILE C 168 17.85 18.95 19.11
N ALA C 169 17.07 17.87 19.20
CA ALA C 169 15.65 17.95 18.91
C ALA C 169 14.89 18.66 20.02
N ARG C 170 13.77 19.26 19.66
CA ARG C 170 12.85 19.90 20.61
C ARG C 170 13.61 20.78 21.61
N ALA C 171 14.51 21.61 21.06
CA ALA C 171 15.43 22.38 21.88
C ALA C 171 14.75 23.44 22.73
N ASP C 172 13.47 23.73 22.48
CA ASP C 172 12.76 24.66 23.34
C ASP C 172 12.58 24.12 24.75
N SER C 173 12.72 22.81 24.94
CA SER C 173 12.69 22.21 26.27
C SER C 173 13.97 22.47 27.06
N LEU C 174 14.97 23.10 26.46
CA LEU C 174 16.18 23.52 27.14
C LEU C 174 16.33 25.03 27.02
N THR C 175 16.87 25.64 28.07
CA THR C 175 17.19 27.06 28.00
C THR C 175 18.35 27.28 27.04
N MET C 176 18.54 28.54 26.64
CA MET C 176 19.65 28.87 25.74
C MET C 176 20.98 28.42 26.31
N GLU C 177 21.20 28.64 27.61
CA GLU C 177 22.43 28.21 28.25
C GLU C 177 22.51 26.69 28.28
N GLU C 178 21.40 26.02 28.58
CA GLU C 178 21.39 24.56 28.58
C GLU C 178 21.67 24.00 27.19
N ARG C 179 21.12 24.62 26.15
CA ARG C 179 21.41 24.20 24.78
C ARG C 179 22.92 24.23 24.52
N GLU C 180 23.57 25.33 24.90
CA GLU C 180 24.98 25.50 24.60
C GLU C 180 25.84 24.47 25.34
N ALA C 181 25.55 24.27 26.63
CA ALA C 181 26.33 23.30 27.41
C ALA C 181 26.10 21.87 26.89
N PHE C 182 24.88 21.57 26.47
CA PHE C 182 24.59 20.25 25.91
C PHE C 182 25.30 20.05 24.58
N ARG C 183 25.33 21.09 23.74
CA ARG C 183 26.05 21.00 22.48
C ARG C 183 27.54 20.74 22.71
N ARG C 184 28.13 21.40 23.71
CA ARG C 184 29.55 21.19 23.99
C ARG C 184 29.83 19.76 24.41
N ARG C 185 28.97 19.18 25.25
CA ARG C 185 29.16 17.80 25.67
C ARG C 185 28.99 16.83 24.50
N ILE C 186 27.98 17.06 23.65
CA ILE C 186 27.78 16.21 22.48
C ILE C 186 28.98 16.29 21.56
N GLN C 187 29.50 17.49 21.33
CA GLN C 187 30.68 17.64 20.49
C GLN C 187 31.86 16.87 21.06
N GLN C 188 32.04 16.92 22.38
CA GLN C 188 33.09 16.12 23.00
C GLN C 188 32.85 14.63 22.82
N ASN C 189 31.59 14.19 22.97
CA ASN C 189 31.27 12.78 22.76
C ASN C 189 31.54 12.35 21.32
N LEU C 190 31.26 13.24 20.35
CA LEU C 190 31.51 12.92 18.96
C LEU C 190 33.00 12.70 18.71
N ARG C 191 33.85 13.55 19.30
CA ARG C 191 35.28 13.40 19.12
C ARG C 191 35.79 12.13 19.80
N THR C 192 35.32 11.85 21.01
CA THR C 192 35.81 10.69 21.74
C THR C 192 35.52 9.40 20.98
N HIS C 193 34.32 9.25 20.43
CA HIS C 193 33.90 8.04 19.75
C HIS C 193 34.14 8.08 18.25
N CYS C 194 34.92 9.05 17.76
CA CYS C 194 35.35 9.12 16.36
C CYS C 194 34.16 9.11 15.41
N ILE C 195 33.16 9.93 15.72
CA ILE C 195 32.00 10.13 14.86
C ILE C 195 32.24 11.41 14.06
N ASP C 196 32.51 11.26 12.77
CA ASP C 196 32.92 12.36 11.90
C ASP C 196 31.67 12.87 11.16
N VAL C 197 30.97 13.82 11.77
CA VAL C 197 29.74 14.35 11.21
C VAL C 197 30.08 15.47 10.23
N TYR C 198 29.09 15.82 9.40
CA TYR C 198 29.26 16.85 8.39
C TYR C 198 29.26 18.25 9.03
N PRO C 199 30.11 19.16 8.53
CA PRO C 199 31.11 18.98 7.47
C PRO C 199 32.41 18.37 7.99
N GLN C 200 32.82 17.26 7.37
CA GLN C 200 34.03 16.58 7.81
C GLN C 200 35.25 17.45 7.53
N MET C 201 36.17 17.50 8.50
CA MET C 201 37.34 18.36 8.37
C MET C 201 38.24 17.94 7.22
N CYS C 202 38.20 16.65 6.85
CA CYS C 202 39.05 16.14 5.77
C CYS C 202 38.72 16.75 4.42
N PHE C 203 37.57 17.42 4.27
CA PHE C 203 37.17 18.01 3.00
C PHE C 203 37.36 19.51 2.95
N ASP C 204 37.87 20.13 4.02
CA ASP C 204 38.24 21.53 3.95
C ASP C 204 39.43 21.72 3.00
N GLU C 205 39.29 22.64 2.06
CA GLU C 205 40.32 22.87 1.05
C GLU C 205 41.01 24.22 1.17
N ASP C 206 40.26 25.31 1.20
CA ASP C 206 40.84 26.64 1.19
C ASP C 206 40.50 27.39 2.49
N ILE C 207 41.04 28.60 2.59
CA ILE C 207 40.85 29.43 3.79
C ILE C 207 39.37 29.65 4.06
N ASN C 208 38.59 29.92 3.02
CA ASN C 208 37.16 30.16 3.20
C ASN C 208 36.46 28.93 3.75
N ASP C 209 36.87 27.74 3.31
CA ASP C 209 36.32 26.51 3.88
C ASP C 209 36.63 26.41 5.36
N LYS C 210 37.89 26.67 5.72
CA LYS C 210 38.32 26.46 7.11
C LYS C 210 37.61 27.41 8.06
N ILE C 211 37.36 28.65 7.63
CA ILE C 211 36.70 29.62 8.50
C ILE C 211 35.22 29.28 8.65
N LEU C 212 34.52 29.12 7.52
CA LEU C 212 33.08 28.94 7.58
C LEU C 212 32.70 27.57 8.13
N ASN C 213 33.44 26.52 7.76
CA ASN C 213 33.13 25.20 8.29
C ASN C 213 33.49 25.08 9.76
N SER C 214 34.47 25.86 10.24
CA SER C 214 34.74 25.88 11.67
C SER C 214 33.58 26.52 12.42
N LYS C 215 32.96 27.55 11.84
CA LYS C 215 31.79 28.15 12.46
C LYS C 215 30.62 27.16 12.47
N LEU C 216 30.50 26.35 11.43
CA LEU C 216 29.43 25.36 11.38
C LEU C 216 29.66 24.26 12.39
N ARG C 217 30.88 23.71 12.45
CA ARG C 217 31.17 22.65 13.40
C ARG C 217 31.05 23.13 14.84
N ASP C 218 31.28 24.43 15.07
CA ASP C 218 31.08 24.99 16.40
C ASP C 218 29.61 25.01 16.79
N ARG C 219 28.70 25.08 15.82
CA ARG C 219 27.28 25.14 16.08
C ARG C 219 26.57 23.79 15.95
N ILE C 220 27.24 22.78 15.43
CA ILE C 220 26.65 21.46 15.25
C ILE C 220 26.98 20.60 16.47
N PRO C 221 25.96 19.96 17.08
CA PRO C 221 24.55 19.85 16.67
C PRO C 221 23.72 21.11 16.84
N PHE C 222 22.97 21.46 15.79
CA PHE C 222 22.06 22.59 15.85
C PHE C 222 20.94 22.33 16.86
N ALA C 223 20.57 23.35 17.60
CA ALA C 223 19.44 23.28 18.54
C ALA C 223 18.20 23.73 17.79
N VAL C 224 17.39 22.79 17.32
CA VAL C 224 16.30 23.07 16.40
C VAL C 224 14.95 22.93 17.10
N VAL C 225 13.96 23.64 16.55
CA VAL C 225 12.57 23.53 16.93
C VAL C 225 11.77 23.35 15.65
N GLY C 226 10.73 22.52 15.70
CA GLY C 226 9.87 22.26 14.56
C GLY C 226 8.50 22.85 14.76
N ALA C 227 7.82 23.20 13.65
CA ALA C 227 6.49 23.78 13.73
C ALA C 227 5.73 23.48 12.45
N ASP C 228 4.57 22.84 12.58
CA ASP C 228 3.68 22.58 11.46
C ASP C 228 2.61 23.64 11.29
N GLN C 229 2.42 24.52 12.26
CA GLN C 229 1.38 25.54 12.23
C GLN C 229 2.01 26.93 12.10
N GLU C 230 1.22 27.86 11.58
CA GLU C 230 1.63 29.25 11.43
C GLU C 230 0.72 30.16 12.22
N HIS C 231 1.30 31.23 12.76
CA HIS C 231 0.57 32.17 13.60
C HIS C 231 0.93 33.59 13.19
N LEU C 232 0.04 34.53 13.52
CA LEU C 232 0.27 35.94 13.27
C LEU C 232 1.22 36.50 14.33
N VAL C 233 2.38 36.97 13.90
CA VAL C 233 3.36 37.61 14.78
C VAL C 233 3.75 38.92 14.13
N ASN C 234 3.32 40.04 14.72
CA ASN C 234 3.60 41.37 14.21
C ASN C 234 3.13 41.52 12.76
N GLY C 235 1.85 41.21 12.53
CA GLY C 235 1.24 41.37 11.23
C GLY C 235 1.76 40.44 10.15
N ARG C 236 2.64 39.49 10.48
CA ARG C 236 3.19 38.55 9.52
C ARG C 236 2.97 37.13 10.05
N CYS C 237 2.48 36.25 9.19
CA CYS C 237 2.28 34.85 9.57
C CYS C 237 3.58 34.08 9.39
N VAL C 238 4.01 33.39 10.44
CA VAL C 238 5.25 32.63 10.44
C VAL C 238 5.00 31.29 11.11
N LEU C 239 5.77 30.29 10.69
CA LEU C 239 5.73 28.99 11.35
C LEU C 239 6.18 29.15 12.80
N GLY C 240 5.48 28.49 13.71
CA GLY C 240 5.85 28.61 15.12
C GLY C 240 5.08 27.63 15.98
N ARG C 241 5.58 27.47 17.19
CA ARG C 241 4.92 26.70 18.24
C ARG C 241 4.27 27.67 19.20
N LYS C 242 2.94 27.67 19.24
CA LYS C 242 2.20 28.54 20.14
C LYS C 242 2.05 27.86 21.50
N THR C 243 2.54 28.53 22.54
CA THR C 243 2.40 28.06 23.91
C THR C 243 1.64 29.11 24.72
N LYS C 244 1.34 28.78 25.97
CA LYS C 244 0.68 29.73 26.85
C LYS C 244 1.57 30.93 27.16
N TRP C 245 2.88 30.82 26.95
CA TRP C 245 3.82 31.90 27.23
C TRP C 245 4.15 32.74 26.01
N GLY C 246 3.92 32.24 24.81
CA GLY C 246 4.24 32.97 23.60
C GLY C 246 4.28 32.04 22.41
N ILE C 247 4.83 32.57 21.32
CA ILE C 247 4.98 31.82 20.07
C ILE C 247 6.47 31.66 19.80
N ILE C 248 6.93 30.42 19.73
CA ILE C 248 8.32 30.12 19.43
C ILE C 248 8.48 30.10 17.91
N GLU C 249 9.10 31.13 17.36
CA GLU C 249 9.26 31.28 15.92
C GLU C 249 10.40 30.40 15.43
N VAL C 250 10.07 29.39 14.62
CA VAL C 250 11.05 28.38 14.23
C VAL C 250 12.07 28.93 13.25
N GLU C 251 11.67 29.86 12.39
CA GLU C 251 12.58 30.44 11.42
C GLU C 251 13.22 31.73 11.93
N ASN C 252 13.19 31.96 13.24
CA ASN C 252 13.81 33.13 13.87
C ASN C 252 15.03 32.66 14.63
N MET C 253 16.21 33.17 14.25
CA MET C 253 17.46 32.75 14.87
C MET C 253 17.53 33.11 16.35
N ALA C 254 16.76 34.11 16.79
CA ALA C 254 16.71 34.43 18.21
C ALA C 254 15.97 33.39 19.02
N HIS C 255 15.26 32.47 18.38
CA HIS C 255 14.48 31.45 19.07
C HIS C 255 15.06 30.06 18.95
N CYS C 256 15.57 29.67 17.77
CA CYS C 256 16.19 28.38 17.58
C CYS C 256 17.10 28.45 16.37
N GLU C 257 17.77 27.34 16.08
CA GLU C 257 18.77 27.28 15.03
C GLU C 257 18.30 26.47 13.83
N PHE C 258 16.99 26.28 13.67
CA PHE C 258 16.47 25.68 12.44
C PHE C 258 16.91 26.42 11.17
N PRO C 259 17.00 27.76 11.12
CA PRO C 259 17.52 28.39 9.91
C PRO C 259 18.91 27.90 9.53
N LEU C 260 19.76 27.59 10.52
CA LEU C 260 21.09 27.08 10.20
C LEU C 260 21.02 25.70 9.55
N LEU C 261 20.10 24.85 10.01
CA LEU C 261 19.92 23.55 9.38
C LEU C 261 19.33 23.69 7.99
N ARG C 262 18.29 24.51 7.86
CA ARG C 262 17.63 24.71 6.58
C ARG C 262 18.60 25.28 5.54
N ASP C 263 19.38 26.29 5.94
CA ASP C 263 20.31 26.92 5.01
C ASP C 263 21.47 26.01 4.68
N LEU C 264 21.99 25.27 5.68
CA LEU C 264 23.11 24.38 5.45
C LEU C 264 22.76 23.34 4.39
N LEU C 265 21.61 22.69 4.53
CA LEU C 265 21.26 21.58 3.66
C LEU C 265 20.92 22.06 2.26
N ILE C 266 19.99 23.01 2.15
CA ILE C 266 19.33 23.31 0.89
C ILE C 266 19.98 24.50 0.19
N ARG C 267 20.47 25.47 0.96
CA ARG C 267 20.81 26.77 0.41
C ARG C 267 22.30 27.05 0.31
N SER C 268 23.16 26.26 0.95
CA SER C 268 24.59 26.57 0.90
C SER C 268 25.45 25.36 0.57
N HIS C 269 25.28 24.26 1.29
CA HIS C 269 26.13 23.09 1.15
C HIS C 269 25.46 21.98 0.34
N LEU C 270 24.41 22.28 -0.41
CA LEU C 270 23.67 21.26 -1.14
C LEU C 270 24.59 20.45 -2.05
N GLN C 271 25.34 21.13 -2.92
CA GLN C 271 26.16 20.41 -3.89
C GLN C 271 27.33 19.71 -3.20
N ASP C 272 27.89 20.32 -2.16
CA ASP C 272 28.95 19.67 -1.40
C ASP C 272 28.48 18.34 -0.84
N LEU C 273 27.26 18.30 -0.30
CA LEU C 273 26.71 17.06 0.22
C LEU C 273 26.51 16.03 -0.87
N LYS C 274 26.05 16.47 -2.05
CA LYS C 274 25.90 15.54 -3.16
C LYS C 274 27.26 15.04 -3.65
N ASP C 275 28.25 15.93 -3.72
CA ASP C 275 29.58 15.55 -4.18
C ASP C 275 30.20 14.49 -3.29
N ILE C 276 30.14 14.69 -1.97
CA ILE C 276 30.69 13.71 -1.03
C ILE C 276 29.90 12.41 -1.11
N THR C 277 28.59 12.49 -1.26
CA THR C 277 27.78 11.29 -1.42
C THR C 277 28.23 10.50 -2.65
N HIS C 278 28.46 11.18 -3.77
CA HIS C 278 28.78 10.50 -5.02
C HIS C 278 30.24 10.04 -5.05
N ASN C 279 31.16 10.93 -4.69
CA ASN C 279 32.58 10.62 -4.84
C ASN C 279 33.15 9.83 -3.68
N ILE C 280 32.49 9.83 -2.52
CA ILE C 280 33.02 9.12 -1.35
C ILE C 280 32.12 7.94 -1.01
N HIS C 281 30.91 8.24 -0.52
CA HIS C 281 30.05 7.19 0.03
C HIS C 281 29.60 6.21 -1.04
N TYR C 282 29.09 6.73 -2.16
CA TYR C 282 28.68 5.85 -3.26
C TYR C 282 29.88 5.15 -3.88
N GLU C 283 31.01 5.84 -3.98
CA GLU C 283 32.21 5.24 -4.55
C GLU C 283 32.69 4.08 -3.69
N ASN C 284 32.61 4.23 -2.37
CA ASN C 284 32.93 3.12 -1.48
C ASN C 284 31.98 1.94 -1.71
N TYR C 285 30.69 2.23 -1.84
CA TYR C 285 29.73 1.16 -2.11
C TYR C 285 30.01 0.48 -3.44
N ARG C 286 30.30 1.27 -4.48
CA ARG C 286 30.53 0.71 -5.81
C ARG C 286 31.79 -0.13 -5.85
N VAL C 287 32.82 0.24 -5.10
CA VAL C 287 34.06 -0.54 -5.12
C VAL C 287 33.83 -1.92 -4.52
N ILE C 288 33.09 -1.99 -3.42
CA ILE C 288 32.85 -3.27 -2.75
C ILE C 288 31.98 -4.17 -3.63
N ARG C 289 30.94 -3.60 -4.25
CA ARG C 289 30.01 -4.40 -5.05
C ARG C 289 30.71 -5.05 -6.23
N LEU C 290 31.70 -4.38 -6.82
CA LEU C 290 32.38 -4.89 -8.00
C LEU C 290 33.56 -5.80 -7.67
N ASN C 291 33.89 -5.97 -6.38
CA ASN C 291 34.92 -6.91 -5.99
C ASN C 291 34.29 -8.23 -5.56
N GLU C 292 33.72 -8.26 -4.36
CA GLU C 292 33.06 -9.45 -3.82
C GLU C 292 33.99 -10.65 -3.80
N PHE D 23 7.60 -19.94 -45.60
CA PHE D 23 8.63 -19.43 -44.70
C PHE D 23 8.35 -19.88 -43.27
N GLU D 24 9.09 -20.90 -42.82
CA GLU D 24 8.77 -21.59 -41.58
C GLU D 24 9.51 -20.98 -40.40
N PHE D 25 8.80 -20.77 -39.30
CA PHE D 25 9.39 -20.33 -38.04
C PHE D 25 8.66 -21.02 -36.91
N ASN D 26 9.42 -21.65 -36.01
CA ASN D 26 8.87 -22.52 -34.99
C ASN D 26 9.28 -22.03 -33.61
N ILE D 27 8.29 -21.79 -32.75
CA ILE D 27 8.48 -21.30 -31.40
C ILE D 27 7.95 -22.35 -30.43
N MET D 28 8.51 -22.35 -29.22
CA MET D 28 8.04 -23.22 -28.14
C MET D 28 7.96 -22.41 -26.86
N VAL D 29 6.86 -22.55 -26.13
CA VAL D 29 6.71 -21.93 -24.81
C VAL D 29 6.94 -23.01 -23.75
N VAL D 30 7.72 -22.67 -22.74
CA VAL D 30 8.17 -23.61 -21.72
C VAL D 30 8.17 -22.91 -20.37
N GLY D 31 7.75 -23.62 -19.33
CA GLY D 31 7.82 -23.06 -18.00
C GLY D 31 6.86 -23.74 -17.05
N GLN D 32 6.97 -23.34 -15.79
CA GLN D 32 6.08 -23.82 -14.73
C GLN D 32 4.62 -23.64 -15.12
N SER D 33 3.78 -24.56 -14.65
CA SER D 33 2.35 -24.48 -14.91
C SER D 33 1.77 -23.19 -14.31
N GLY D 34 0.79 -22.62 -15.01
CA GLY D 34 0.08 -21.47 -14.51
C GLY D 34 0.80 -20.14 -14.69
N LEU D 35 1.68 -20.03 -15.67
CA LEU D 35 2.43 -18.80 -15.91
C LEU D 35 1.92 -18.03 -17.12
N GLY D 36 0.78 -18.42 -17.70
CA GLY D 36 0.25 -17.74 -18.86
C GLY D 36 0.84 -18.18 -20.18
N LYS D 37 1.43 -19.38 -20.23
CA LYS D 37 2.07 -19.84 -21.46
C LYS D 37 1.07 -19.99 -22.59
N SER D 38 -0.05 -20.67 -22.34
CA SER D 38 -1.05 -20.87 -23.39
C SER D 38 -1.70 -19.55 -23.78
N THR D 39 -1.90 -18.66 -22.81
CA THR D 39 -2.43 -17.33 -23.11
C THR D 39 -1.47 -16.58 -24.02
N MET D 40 -0.16 -16.70 -23.77
CA MET D 40 0.83 -16.04 -24.60
C MET D 40 0.84 -16.60 -26.02
N VAL D 41 0.58 -17.90 -26.18
CA VAL D 41 0.47 -18.47 -27.52
C VAL D 41 -0.65 -17.77 -28.29
N ASN D 42 -1.81 -17.63 -27.66
CA ASN D 42 -2.91 -16.90 -28.29
C ASN D 42 -2.53 -15.45 -28.54
N THR D 43 -1.83 -14.83 -27.60
CA THR D 43 -1.44 -13.43 -27.76
C THR D 43 -0.58 -13.24 -29.01
N LEU D 44 0.34 -14.16 -29.27
CA LEU D 44 1.20 -14.05 -30.45
C LEU D 44 0.39 -14.17 -31.74
N PHE D 45 -0.52 -15.15 -31.79
CA PHE D 45 -1.32 -15.32 -33.01
C PHE D 45 -2.37 -14.24 -33.16
N LYS D 46 -2.85 -13.68 -32.05
CA LYS D 46 -3.91 -12.67 -32.11
C LYS D 46 -3.38 -11.25 -32.18
N SER D 47 -2.06 -11.07 -32.23
CA SER D 47 -1.47 -9.73 -32.25
C SER D 47 -2.06 -8.88 -33.36
N LYS D 48 -2.36 -7.62 -33.04
CA LYS D 48 -2.91 -6.70 -34.01
C LYS D 48 -1.90 -6.29 -35.07
N VAL D 49 -0.64 -6.71 -34.94
CA VAL D 49 0.35 -6.42 -35.97
C VAL D 49 0.04 -7.19 -37.25
N TRP D 50 -0.61 -8.34 -37.13
CA TRP D 50 -0.86 -9.17 -38.29
C TRP D 50 -2.09 -8.70 -39.05
N LYS D 51 -2.12 -9.01 -40.35
CA LYS D 51 -3.26 -8.64 -41.20
C LYS D 51 -4.54 -9.26 -40.67
N SER D 52 -4.56 -10.58 -40.52
CA SER D 52 -5.71 -11.30 -40.00
C SER D 52 -5.25 -12.30 -38.94
N ASN D 53 -6.13 -12.58 -38.01
CA ASN D 53 -5.83 -13.53 -36.95
C ASN D 53 -6.76 -14.73 -37.04
N PRO D 54 -6.25 -15.95 -36.84
CA PRO D 54 -7.10 -17.13 -36.98
C PRO D 54 -8.15 -17.15 -35.90
N PRO D 55 -9.31 -17.79 -36.15
CA PRO D 55 -10.41 -17.88 -35.17
C PRO D 55 -10.02 -18.54 -33.86
N PRO D 60 -11.73 -19.66 -23.68
CA PRO D 60 -11.68 -20.92 -22.95
C PRO D 60 -10.35 -21.65 -23.14
N THR D 61 -9.36 -21.30 -22.32
CA THR D 61 -8.03 -21.90 -22.41
C THR D 61 -7.79 -22.77 -21.18
N PRO D 62 -7.91 -24.09 -21.27
CA PRO D 62 -7.75 -24.94 -20.09
C PRO D 62 -6.28 -25.22 -19.82
N GLN D 63 -6.05 -25.87 -18.68
CA GLN D 63 -4.71 -26.32 -18.34
C GLN D 63 -4.18 -27.25 -19.42
N THR D 64 -2.98 -26.97 -19.92
CA THR D 64 -2.40 -27.73 -21.02
C THR D 64 -1.91 -29.07 -20.50
N LEU D 65 -2.56 -30.15 -20.93
CA LEU D 65 -2.25 -31.48 -20.45
C LEU D 65 -1.40 -32.29 -21.41
N GLN D 66 -1.15 -31.80 -22.62
CA GLN D 66 -0.36 -32.51 -23.59
C GLN D 66 0.37 -31.51 -24.48
N LEU D 67 1.53 -31.93 -24.98
CA LEU D 67 2.29 -31.11 -25.91
C LEU D 67 1.57 -31.06 -27.25
N HIS D 68 1.22 -29.85 -27.70
CA HIS D 68 0.53 -29.69 -28.97
C HIS D 68 1.07 -28.45 -29.68
N SER D 69 1.02 -28.49 -31.01
CA SER D 69 1.53 -27.42 -31.86
C SER D 69 0.39 -26.78 -32.62
N LEU D 70 0.47 -25.45 -32.77
CA LEU D 70 -0.51 -24.67 -33.52
C LEU D 70 0.21 -23.94 -34.65
N THR D 71 -0.21 -24.21 -35.88
CA THR D 71 0.41 -23.63 -37.06
C THR D 71 -0.60 -22.77 -37.81
N HIS D 72 -0.23 -21.52 -38.08
CA HIS D 72 -1.05 -20.60 -38.84
C HIS D 72 -0.15 -19.73 -39.71
N VAL D 73 -0.58 -19.51 -40.95
CA VAL D 73 0.16 -18.63 -41.86
C VAL D 73 -0.13 -17.19 -41.44
N ILE D 74 0.88 -16.52 -40.91
CA ILE D 74 0.78 -15.13 -40.46
C ILE D 74 1.55 -14.26 -41.45
N GLU D 75 0.99 -13.09 -41.77
CA GLU D 75 1.61 -12.21 -42.73
C GLU D 75 1.57 -10.78 -42.22
N GLU D 76 2.58 -10.01 -42.61
CA GLU D 76 2.69 -8.60 -42.25
C GLU D 76 3.39 -7.88 -43.40
N LYS D 77 2.65 -7.04 -44.12
CA LYS D 77 3.19 -6.28 -45.25
C LYS D 77 3.75 -7.22 -46.32
N GLY D 78 2.97 -8.25 -46.64
CA GLY D 78 3.33 -9.19 -47.69
C GLY D 78 4.38 -10.21 -47.31
N VAL D 79 4.81 -10.26 -46.05
CA VAL D 79 5.80 -11.24 -45.60
C VAL D 79 5.00 -12.42 -45.05
N LYS D 80 4.73 -13.38 -45.93
CA LYS D 80 4.03 -14.59 -45.52
C LYS D 80 4.92 -15.44 -44.63
N LEU D 81 4.38 -15.92 -43.51
CA LEU D 81 5.16 -16.63 -42.51
C LEU D 81 4.34 -17.79 -41.96
N LYS D 82 4.86 -19.01 -42.10
CA LYS D 82 4.24 -20.20 -41.52
C LYS D 82 4.72 -20.33 -40.09
N LEU D 83 3.95 -19.78 -39.15
CA LEU D 83 4.33 -19.73 -37.75
C LEU D 83 3.73 -20.91 -37.00
N THR D 84 4.60 -21.73 -36.42
CA THR D 84 4.20 -22.82 -35.54
C THR D 84 4.64 -22.50 -34.13
N VAL D 85 3.69 -22.53 -33.19
CA VAL D 85 3.97 -22.36 -31.78
C VAL D 85 3.61 -23.64 -31.06
N THR D 86 4.59 -24.27 -30.44
CA THR D 86 4.37 -25.51 -29.70
C THR D 86 4.12 -25.16 -28.23
N ASP D 87 2.93 -25.51 -27.74
CA ASP D 87 2.54 -25.29 -26.36
C ASP D 87 2.81 -26.54 -25.55
N THR D 88 3.25 -26.36 -24.32
CA THR D 88 3.75 -27.47 -23.52
C THR D 88 3.08 -27.50 -22.16
N PRO D 89 2.91 -28.68 -21.57
CA PRO D 89 2.40 -28.76 -20.20
C PRO D 89 3.39 -28.13 -19.23
N GLY D 90 2.86 -27.36 -18.29
CA GLY D 90 3.70 -26.80 -17.25
C GLY D 90 4.30 -27.89 -16.39
N PHE D 91 5.45 -27.59 -15.80
CA PHE D 91 6.13 -28.51 -14.90
C PHE D 91 6.21 -27.90 -13.51
N GLY D 92 6.91 -28.60 -12.60
CA GLY D 92 7.15 -28.09 -11.27
C GLY D 92 6.02 -28.24 -10.29
N ASP D 93 4.99 -29.03 -10.60
CA ASP D 93 3.87 -29.23 -9.69
C ASP D 93 3.99 -30.51 -8.88
N GLN D 94 5.03 -31.31 -9.09
CA GLN D 94 5.14 -32.60 -8.44
C GLN D 94 5.98 -32.50 -7.17
N ILE D 95 5.89 -33.56 -6.34
CA ILE D 95 6.79 -33.69 -5.21
C ILE D 95 8.23 -33.75 -5.68
N ASN D 96 8.49 -34.62 -6.66
CA ASN D 96 9.81 -34.77 -7.26
C ASN D 96 9.70 -34.39 -8.73
N ASN D 97 10.33 -33.28 -9.11
CA ASN D 97 10.31 -32.79 -10.48
C ASN D 97 11.53 -33.23 -11.28
N ASP D 98 12.24 -34.27 -10.83
CA ASP D 98 13.40 -34.73 -11.56
C ASP D 98 13.00 -35.21 -12.95
N ASN D 99 13.81 -34.85 -13.95
CA ASN D 99 13.63 -35.25 -15.34
C ASN D 99 12.34 -34.71 -15.94
N CYS D 100 11.75 -33.66 -15.35
CA CYS D 100 10.57 -33.05 -15.96
C CYS D 100 10.88 -32.39 -17.30
N TRP D 101 12.16 -32.23 -17.63
CA TRP D 101 12.57 -31.65 -18.90
C TRP D 101 12.58 -32.66 -20.05
N ASP D 102 12.52 -33.95 -19.75
CA ASP D 102 12.60 -34.98 -20.80
C ASP D 102 11.59 -34.80 -21.92
N PRO D 103 10.30 -34.56 -21.65
CA PRO D 103 9.37 -34.32 -22.79
C PRO D 103 9.77 -33.15 -23.66
N ILE D 104 10.19 -32.02 -23.07
CA ILE D 104 10.53 -30.84 -23.86
C ILE D 104 11.79 -31.11 -24.69
N LEU D 105 12.84 -31.59 -24.04
CA LEU D 105 14.07 -31.91 -24.77
C LEU D 105 13.85 -33.03 -25.77
N GLY D 106 12.95 -33.96 -25.47
CA GLY D 106 12.63 -34.99 -26.44
C GLY D 106 12.03 -34.44 -27.72
N TYR D 107 11.10 -33.49 -27.59
CA TYR D 107 10.51 -32.87 -28.77
C TYR D 107 11.56 -32.13 -29.59
N ILE D 108 12.41 -31.36 -28.91
CA ILE D 108 13.46 -30.60 -29.60
C ILE D 108 14.36 -31.53 -30.40
N ASN D 109 14.84 -32.59 -29.76
CA ASN D 109 15.76 -33.51 -30.43
C ASN D 109 15.06 -34.34 -31.50
N GLU D 110 13.75 -34.58 -31.34
CA GLU D 110 13.01 -35.29 -32.38
C GLU D 110 13.00 -34.48 -33.68
N GLN D 111 12.90 -33.16 -33.59
CA GLN D 111 12.92 -32.34 -34.80
C GLN D 111 14.32 -32.31 -35.43
N TYR D 112 15.36 -32.28 -34.60
CA TYR D 112 16.71 -32.38 -35.12
C TYR D 112 16.94 -33.73 -35.80
N GLU D 113 16.46 -34.80 -35.18
CA GLU D 113 16.65 -36.14 -35.74
C GLU D 113 15.89 -36.30 -37.05
N GLN D 114 14.66 -35.80 -37.11
CA GLN D 114 13.89 -35.84 -38.36
C GLN D 114 14.61 -35.08 -39.46
N TYR D 115 15.20 -33.93 -39.13
CA TYR D 115 15.91 -33.15 -40.14
C TYR D 115 17.17 -33.88 -40.61
N LEU D 116 17.90 -34.51 -39.68
CA LEU D 116 19.13 -35.20 -40.05
C LEU D 116 18.84 -36.41 -40.93
N GLN D 117 17.78 -37.16 -40.63
CA GLN D 117 17.45 -38.32 -41.45
C GLN D 117 17.06 -37.93 -42.87
N GLU D 118 16.41 -36.78 -43.03
CA GLU D 118 16.09 -36.31 -44.37
C GLU D 118 17.33 -35.78 -45.10
N GLU D 119 18.28 -35.23 -44.35
CA GLU D 119 19.44 -34.59 -44.98
C GLU D 119 20.50 -35.60 -45.41
N ILE D 120 20.62 -36.74 -44.71
CA ILE D 120 21.64 -37.72 -45.06
C ILE D 120 21.24 -38.62 -46.22
N LEU D 121 20.00 -38.54 -46.68
CA LEU D 121 19.57 -39.38 -47.79
C LEU D 121 20.26 -38.97 -49.09
N ILE D 122 20.55 -39.97 -49.93
CA ILE D 122 21.05 -39.70 -51.27
C ILE D 122 20.01 -38.91 -52.06
N THR D 123 18.84 -39.52 -52.26
CA THR D 123 17.69 -38.84 -52.84
C THR D 123 16.88 -38.22 -51.71
N ARG D 124 16.86 -36.89 -51.65
CA ARG D 124 16.19 -36.19 -50.56
C ARG D 124 15.20 -35.19 -51.14
N GLN D 125 14.29 -34.75 -50.28
CA GLN D 125 13.27 -33.79 -50.69
C GLN D 125 13.91 -32.50 -51.18
N ARG D 126 13.26 -31.89 -52.18
CA ARG D 126 13.71 -30.58 -52.65
C ARG D 126 13.66 -29.57 -51.52
N HIS D 127 12.63 -29.64 -50.67
CA HIS D 127 12.46 -28.75 -49.54
C HIS D 127 12.16 -29.59 -48.30
N ILE D 128 13.20 -29.87 -47.52
CA ILE D 128 13.04 -30.62 -46.27
C ILE D 128 12.21 -29.76 -45.31
N PRO D 129 11.09 -30.27 -44.80
CA PRO D 129 10.28 -29.49 -43.86
C PRO D 129 11.07 -29.20 -42.59
N ASP D 130 11.07 -27.93 -42.19
CA ASP D 130 11.83 -27.49 -41.02
C ASP D 130 10.87 -27.35 -39.84
N THR D 131 10.84 -28.38 -39.00
CA THR D 131 10.07 -28.35 -37.76
C THR D 131 10.95 -28.09 -36.55
N ARG D 132 12.24 -27.81 -36.76
CA ARG D 132 13.15 -27.56 -35.65
C ARG D 132 12.71 -26.33 -34.87
N VAL D 133 12.86 -26.39 -33.55
CA VAL D 133 12.49 -25.26 -32.69
C VAL D 133 13.53 -24.17 -32.85
N HIS D 134 13.11 -23.03 -33.38
CA HIS D 134 14.04 -21.93 -33.63
C HIS D 134 14.20 -21.01 -32.42
N CYS D 135 13.26 -21.02 -31.49
CA CYS D 135 13.44 -20.27 -30.26
C CYS D 135 12.52 -20.81 -29.19
N CYS D 136 13.04 -20.90 -27.97
CA CYS D 136 12.27 -21.29 -26.80
CA CYS D 136 12.27 -21.29 -26.79
C CYS D 136 12.02 -20.06 -25.93
N VAL D 137 10.76 -19.80 -25.61
CA VAL D 137 10.39 -18.72 -24.72
C VAL D 137 10.18 -19.34 -23.35
N TYR D 138 11.07 -19.04 -22.41
CA TYR D 138 11.07 -19.68 -21.10
C TYR D 138 10.44 -18.74 -20.08
N PHE D 139 9.37 -19.20 -19.44
CA PHE D 139 8.59 -18.38 -18.53
C PHE D 139 9.09 -18.56 -17.10
N VAL D 140 9.52 -17.46 -16.49
CA VAL D 140 10.01 -17.46 -15.11
C VAL D 140 8.90 -16.94 -14.21
N PRO D 141 8.54 -17.65 -13.14
CA PRO D 141 7.48 -17.16 -12.23
C PRO D 141 7.85 -15.82 -11.64
N PRO D 142 6.91 -14.89 -11.54
CA PRO D 142 7.18 -13.58 -10.96
C PRO D 142 7.20 -13.61 -9.43
N THR D 143 8.08 -14.44 -8.87
CA THR D 143 8.21 -14.53 -7.43
C THR D 143 8.83 -13.29 -6.80
N GLY D 144 9.56 -12.51 -7.59
CA GLY D 144 10.26 -11.36 -7.07
C GLY D 144 11.56 -11.68 -6.36
N HIS D 145 11.97 -12.94 -6.34
CA HIS D 145 13.21 -13.32 -5.66
C HIS D 145 14.33 -13.54 -6.67
N CYS D 146 14.62 -14.79 -7.01
CA CYS D 146 15.66 -15.11 -7.97
C CYS D 146 15.33 -16.43 -8.64
N LEU D 147 16.21 -16.85 -9.57
CA LEU D 147 15.97 -18.07 -10.32
C LEU D 147 15.99 -19.29 -9.41
N ARG D 148 14.94 -20.10 -9.48
CA ARG D 148 14.86 -21.31 -8.69
C ARG D 148 15.84 -22.36 -9.23
N PRO D 149 16.35 -23.24 -8.38
CA PRO D 149 17.20 -24.34 -8.86
C PRO D 149 16.55 -25.15 -9.98
N LEU D 150 15.25 -25.38 -9.90
CA LEU D 150 14.57 -26.12 -10.96
C LEU D 150 14.70 -25.40 -12.30
N ASP D 151 14.43 -24.09 -12.31
CA ASP D 151 14.55 -23.35 -13.56
C ASP D 151 16.00 -23.24 -14.03
N ILE D 152 16.95 -23.16 -13.11
CA ILE D 152 18.36 -23.13 -13.49
C ILE D 152 18.74 -24.40 -14.23
N GLU D 153 18.35 -25.56 -13.67
CA GLU D 153 18.62 -26.84 -14.31
C GLU D 153 17.99 -26.89 -15.70
N PHE D 154 16.72 -26.50 -15.80
CA PHE D 154 16.02 -26.54 -17.09
C PHE D 154 16.67 -25.63 -18.11
N LEU D 155 17.04 -24.41 -17.69
CA LEU D 155 17.65 -23.46 -18.62
C LEU D 155 19.01 -23.93 -19.09
N GLN D 156 19.82 -24.51 -18.19
CA GLN D 156 21.13 -25.00 -18.60
C GLN D 156 21.01 -26.11 -19.62
N ARG D 157 20.02 -26.99 -19.47
CA ARG D 157 19.82 -28.06 -20.44
C ARG D 157 19.27 -27.52 -21.76
N LEU D 158 18.36 -26.54 -21.69
CA LEU D 158 17.78 -25.99 -22.91
C LEU D 158 18.80 -25.23 -23.73
N CYS D 159 19.59 -24.37 -23.10
CA CYS D 159 20.51 -23.52 -23.83
C CYS D 159 21.63 -24.30 -24.52
N ARG D 160 21.87 -25.54 -24.11
CA ARG D 160 22.86 -26.37 -24.79
C ARG D 160 22.38 -26.85 -26.16
N THR D 161 21.12 -26.61 -26.51
CA THR D 161 20.60 -27.19 -27.74
C THR D 161 19.54 -26.34 -28.44
N VAL D 162 19.19 -25.16 -27.92
CA VAL D 162 18.14 -24.36 -28.53
C VAL D 162 18.33 -22.91 -28.11
N ASN D 163 17.83 -21.99 -28.93
CA ASN D 163 17.79 -20.58 -28.55
C ASN D 163 16.73 -20.36 -27.49
N VAL D 164 17.09 -19.67 -26.41
CA VAL D 164 16.18 -19.45 -25.29
C VAL D 164 16.09 -17.95 -25.01
N VAL D 165 14.87 -17.44 -25.00
CA VAL D 165 14.57 -16.08 -24.53
C VAL D 165 13.75 -16.21 -23.26
N PRO D 166 14.30 -15.92 -22.09
CA PRO D 166 13.50 -15.96 -20.86
C PRO D 166 12.64 -14.71 -20.72
N VAL D 167 11.48 -14.90 -20.08
CA VAL D 167 10.59 -13.80 -19.78
C VAL D 167 10.11 -13.91 -18.33
N ILE D 168 9.77 -12.77 -17.75
CA ILE D 168 9.11 -12.72 -16.46
C ILE D 168 7.62 -12.88 -16.72
N ALA D 169 7.08 -14.05 -16.41
CA ALA D 169 5.69 -14.34 -16.71
C ALA D 169 4.75 -13.52 -15.83
N ARG D 170 3.56 -13.23 -16.37
CA ARG D 170 2.50 -12.53 -15.64
C ARG D 170 3.06 -11.35 -14.86
N ALA D 171 3.88 -10.54 -15.54
CA ALA D 171 4.65 -9.50 -14.90
C ALA D 171 3.79 -8.40 -14.27
N ASP D 172 2.50 -8.35 -14.59
CA ASP D 172 1.62 -7.37 -13.97
C ASP D 172 1.43 -7.62 -12.48
N SER D 173 1.72 -8.83 -12.01
CA SER D 173 1.67 -9.09 -10.58
C SER D 173 2.85 -8.49 -9.82
N LEU D 174 3.78 -7.85 -10.53
CA LEU D 174 4.87 -7.10 -9.92
C LEU D 174 4.76 -5.64 -10.32
N THR D 175 5.20 -4.75 -9.42
CA THR D 175 5.29 -3.34 -9.79
C THR D 175 6.41 -3.14 -10.81
N MET D 176 6.40 -1.96 -11.44
CA MET D 176 7.48 -1.62 -12.38
C MET D 176 8.83 -1.69 -11.70
N GLU D 177 8.91 -1.22 -10.44
CA GLU D 177 10.15 -1.30 -9.69
C GLU D 177 10.50 -2.75 -9.35
N GLU D 178 9.50 -3.54 -8.99
CA GLU D 178 9.74 -4.95 -8.69
C GLU D 178 10.16 -5.72 -9.94
N ARG D 179 9.58 -5.38 -11.09
CA ARG D 179 9.97 -6.02 -12.35
C ARG D 179 11.44 -5.77 -12.65
N GLU D 180 11.88 -4.51 -12.55
CA GLU D 180 13.26 -4.17 -12.86
C GLU D 180 14.23 -4.84 -11.89
N ALA D 181 13.90 -4.82 -10.60
CA ALA D 181 14.75 -5.47 -9.62
C ALA D 181 14.83 -6.97 -9.85
N PHE D 182 13.69 -7.59 -10.17
CA PHE D 182 13.67 -9.02 -10.44
C PHE D 182 14.45 -9.35 -11.71
N ARG D 183 14.34 -8.49 -12.73
CA ARG D 183 15.09 -8.71 -13.96
C ARG D 183 16.60 -8.71 -13.69
N ARG D 184 17.07 -7.73 -12.91
CA ARG D 184 18.50 -7.61 -12.65
C ARG D 184 19.02 -8.83 -11.90
N ARG D 185 18.28 -9.31 -10.91
CA ARG D 185 18.72 -10.51 -10.18
C ARG D 185 18.74 -11.73 -11.08
N ILE D 186 17.74 -11.88 -11.94
CA ILE D 186 17.73 -12.99 -12.89
C ILE D 186 18.93 -12.91 -13.83
N GLN D 187 19.21 -11.69 -14.33
CA GLN D 187 20.37 -11.51 -15.20
C GLN D 187 21.66 -11.90 -14.49
N GLN D 188 21.79 -11.54 -13.22
CA GLN D 188 22.98 -11.93 -12.47
C GLN D 188 23.00 -13.43 -12.24
N ASN D 189 21.83 -14.04 -12.01
CA ASN D 189 21.78 -15.49 -11.85
C ASN D 189 22.18 -16.21 -13.13
N LEU D 190 21.73 -15.69 -14.28
CA LEU D 190 22.11 -16.30 -15.55
C LEU D 190 23.61 -16.21 -15.78
N ARG D 191 24.22 -15.08 -15.41
CA ARG D 191 25.67 -14.95 -15.56
C ARG D 191 26.41 -15.85 -14.59
N THR D 192 25.91 -15.95 -13.35
CA THR D 192 26.58 -16.79 -12.35
C THR D 192 26.55 -18.26 -12.75
N HIS D 193 25.41 -18.73 -13.26
CA HIS D 193 25.27 -20.13 -13.62
C HIS D 193 25.59 -20.42 -15.08
N CYS D 194 26.18 -19.45 -15.79
CA CYS D 194 26.66 -19.64 -17.17
C CYS D 194 25.53 -20.13 -18.08
N ILE D 195 24.38 -19.46 -17.99
CA ILE D 195 23.25 -19.73 -18.87
C ILE D 195 23.28 -18.65 -19.95
N ASP D 196 23.75 -19.03 -21.14
CA ASP D 196 23.92 -18.09 -22.24
C ASP D 196 22.62 -18.04 -23.03
N VAL D 197 21.80 -17.04 -22.73
CA VAL D 197 20.50 -16.90 -23.38
C VAL D 197 20.65 -16.08 -24.65
N TYR D 198 19.63 -16.10 -25.50
CA TYR D 198 19.65 -15.35 -26.75
C TYR D 198 19.38 -13.87 -26.45
N PRO D 199 20.12 -12.97 -27.13
CA PRO D 199 21.19 -13.27 -28.08
C PRO D 199 22.52 -13.60 -27.40
N GLN D 200 23.09 -14.75 -27.77
CA GLN D 200 24.35 -15.18 -27.19
C GLN D 200 25.46 -14.21 -27.55
N MET D 201 26.30 -13.88 -26.57
CA MET D 201 27.34 -12.88 -26.79
C MET D 201 28.39 -13.36 -27.77
N CYS D 202 28.64 -14.68 -27.83
CA CYS D 202 29.67 -15.23 -28.70
C CYS D 202 29.37 -15.02 -30.18
N PHE D 203 28.10 -14.86 -30.55
CA PHE D 203 27.69 -14.72 -31.94
C PHE D 203 27.65 -13.27 -32.40
N ASP D 204 28.08 -12.33 -31.57
CA ASP D 204 28.09 -10.92 -31.94
C ASP D 204 29.30 -10.60 -32.81
N LYS D 210 26.36 -6.14 -31.85
CA LYS D 210 27.20 -5.78 -30.73
C LYS D 210 26.61 -4.60 -29.96
N ILE D 211 26.05 -3.64 -30.71
CA ILE D 211 25.36 -2.50 -30.10
C ILE D 211 23.86 -2.77 -29.96
N LEU D 212 23.23 -3.28 -31.02
CA LEU D 212 21.80 -3.57 -30.94
C LEU D 212 21.51 -4.68 -29.93
N ASN D 213 22.33 -5.74 -29.93
CA ASN D 213 22.10 -6.85 -29.02
C ASN D 213 22.49 -6.53 -27.58
N SER D 214 23.41 -5.59 -27.38
CA SER D 214 23.73 -5.18 -26.01
C SER D 214 22.55 -4.48 -25.35
N LYS D 215 21.75 -3.75 -26.12
CA LYS D 215 20.57 -3.10 -25.56
C LYS D 215 19.41 -4.08 -25.37
N LEU D 216 19.28 -5.06 -26.27
CA LEU D 216 18.32 -6.13 -26.06
C LEU D 216 18.67 -6.94 -24.82
N ARG D 217 19.96 -7.22 -24.63
CA ARG D 217 20.41 -8.00 -23.48
C ARG D 217 20.05 -7.32 -22.16
N ASP D 218 19.97 -5.99 -22.15
CA ASP D 218 19.66 -5.28 -20.92
C ASP D 218 18.21 -5.46 -20.50
N ARG D 219 17.31 -5.74 -21.45
CA ARG D 219 15.90 -5.87 -21.15
C ARG D 219 15.44 -7.32 -21.08
N ILE D 220 16.34 -8.28 -21.21
CA ILE D 220 16.01 -9.70 -21.11
C ILE D 220 16.44 -10.21 -19.74
N PRO D 221 15.52 -10.85 -19.00
CA PRO D 221 14.18 -11.31 -19.40
C PRO D 221 13.12 -10.21 -19.54
N PHE D 222 12.35 -10.27 -20.63
CA PHE D 222 11.26 -9.34 -20.85
C PHE D 222 10.17 -9.54 -19.79
N ALA D 223 9.64 -8.42 -19.30
CA ALA D 223 8.52 -8.44 -18.36
C ALA D 223 7.23 -8.39 -19.19
N VAL D 224 6.59 -9.55 -19.37
CA VAL D 224 5.52 -9.69 -20.34
C VAL D 224 4.18 -9.89 -19.64
N VAL D 225 3.13 -9.44 -20.32
CA VAL D 225 1.75 -9.73 -19.96
C VAL D 225 1.09 -10.32 -21.20
N GLY D 226 0.25 -11.34 -21.01
CA GLY D 226 -0.47 -11.98 -22.09
C GLY D 226 -1.94 -11.67 -22.03
N ALA D 227 -2.58 -11.64 -23.21
CA ALA D 227 -4.01 -11.38 -23.26
C ALA D 227 -4.58 -11.94 -24.55
N ASP D 228 -5.67 -12.72 -24.43
CA ASP D 228 -6.41 -13.21 -25.58
C ASP D 228 -7.79 -12.60 -25.68
N GLN D 229 -8.04 -11.49 -24.97
CA GLN D 229 -9.29 -10.77 -25.02
C GLN D 229 -9.10 -9.42 -25.66
N GLU D 230 -10.12 -8.96 -26.39
CA GLU D 230 -10.09 -7.68 -27.08
C GLU D 230 -10.92 -6.66 -26.32
N HIS D 231 -10.40 -5.44 -26.22
CA HIS D 231 -11.07 -4.37 -25.49
C HIS D 231 -10.92 -3.06 -26.24
N LEU D 232 -11.91 -2.18 -26.07
CA LEU D 232 -11.89 -0.86 -26.68
C LEU D 232 -11.14 0.12 -25.78
N VAL D 233 -10.03 0.66 -26.30
CA VAL D 233 -9.24 1.66 -25.60
C VAL D 233 -8.97 2.80 -26.58
N ASN D 234 -9.40 4.01 -26.22
CA ASN D 234 -9.23 5.19 -27.06
C ASN D 234 -9.81 4.96 -28.46
N GLY D 235 -10.95 4.26 -28.51
CA GLY D 235 -11.57 3.97 -29.79
C GLY D 235 -10.84 2.95 -30.63
N ARG D 236 -9.91 2.20 -30.04
CA ARG D 236 -9.14 1.18 -30.75
C ARG D 236 -9.43 -0.19 -30.16
N CYS D 237 -9.46 -1.20 -31.03
CA CYS D 237 -9.63 -2.59 -30.61
C CYS D 237 -8.25 -3.18 -30.34
N VAL D 238 -7.97 -3.45 -29.06
CA VAL D 238 -6.64 -3.88 -28.64
C VAL D 238 -6.76 -5.12 -27.75
N LEU D 239 -5.70 -5.91 -27.72
CA LEU D 239 -5.58 -7.00 -26.77
C LEU D 239 -5.29 -6.45 -25.38
N GLY D 240 -5.95 -7.00 -24.38
CA GLY D 240 -5.82 -6.44 -23.05
C GLY D 240 -6.34 -7.36 -21.97
N ARG D 241 -5.85 -7.13 -20.76
CA ARG D 241 -6.33 -7.79 -19.55
C ARG D 241 -7.15 -6.77 -18.76
N LYS D 242 -8.47 -6.95 -18.76
CA LYS D 242 -9.35 -6.06 -18.04
C LYS D 242 -9.45 -6.50 -16.59
N THR D 243 -9.14 -5.59 -15.67
CA THR D 243 -9.28 -5.82 -14.24
C THR D 243 -10.20 -4.75 -13.66
N LYS D 244 -10.43 -4.83 -12.35
CA LYS D 244 -11.24 -3.82 -11.68
C LYS D 244 -10.58 -2.45 -11.71
N TRP D 245 -9.25 -2.39 -11.87
CA TRP D 245 -8.52 -1.13 -11.81
C TRP D 245 -8.21 -0.55 -13.18
N GLY D 246 -8.44 -1.29 -14.25
CA GLY D 246 -8.19 -0.79 -15.60
C GLY D 246 -7.91 -1.94 -16.54
N ILE D 247 -7.44 -1.57 -17.73
CA ILE D 247 -7.12 -2.54 -18.78
C ILE D 247 -5.63 -2.48 -19.05
N ILE D 248 -4.96 -3.60 -18.91
CA ILE D 248 -3.55 -3.72 -19.24
C ILE D 248 -3.45 -4.02 -20.73
N GLU D 249 -2.91 -3.09 -21.50
CA GLU D 249 -2.77 -3.23 -22.95
C GLU D 249 -1.44 -3.93 -23.25
N VAL D 250 -1.50 -5.22 -23.60
CA VAL D 250 -0.28 -6.03 -23.67
C VAL D 250 0.59 -5.64 -24.86
N GLU D 251 0.05 -4.97 -25.86
CA GLU D 251 0.84 -4.48 -26.99
C GLU D 251 1.22 -3.02 -26.85
N ASN D 252 1.17 -2.50 -25.62
CA ASN D 252 1.54 -1.12 -25.30
C ASN D 252 2.79 -1.15 -24.42
N MET D 253 3.87 -0.54 -24.91
CA MET D 253 5.14 -0.60 -24.21
C MET D 253 5.10 0.11 -22.85
N ALA D 254 4.16 1.03 -22.66
CA ALA D 254 4.03 1.66 -21.34
C ALA D 254 3.43 0.74 -20.30
N HIS D 255 2.86 -0.40 -20.71
CA HIS D 255 2.23 -1.34 -19.80
C HIS D 255 3.04 -2.60 -19.58
N CYS D 256 3.66 -3.16 -20.61
CA CYS D 256 4.49 -4.34 -20.47
C CYS D 256 5.45 -4.42 -21.65
N GLU D 257 6.26 -5.47 -21.67
CA GLU D 257 7.31 -5.64 -22.66
C GLU D 257 7.02 -6.77 -23.64
N PHE D 258 5.78 -7.22 -23.74
CA PHE D 258 5.41 -8.14 -24.81
C PHE D 258 5.76 -7.62 -26.21
N PRO D 259 5.59 -6.34 -26.54
CA PRO D 259 6.03 -5.88 -27.87
C PRO D 259 7.49 -6.17 -28.15
N LEU D 260 8.36 -6.12 -27.14
CA LEU D 260 9.76 -6.45 -27.36
C LEU D 260 9.94 -7.92 -27.71
N LEU D 261 9.25 -8.81 -26.98
CA LEU D 261 9.31 -10.23 -27.30
C LEU D 261 8.72 -10.49 -28.69
N ARG D 262 7.57 -9.89 -28.97
CA ARG D 262 6.93 -10.06 -30.27
C ARG D 262 7.84 -9.60 -31.41
N ASP D 263 8.43 -8.41 -31.25
CA ASP D 263 9.26 -7.86 -32.32
C ASP D 263 10.57 -8.63 -32.47
N LEU D 264 11.16 -9.07 -31.36
CA LEU D 264 12.37 -9.88 -31.43
C LEU D 264 12.10 -11.16 -32.21
N LEU D 265 11.03 -11.87 -31.85
CA LEU D 265 10.77 -13.20 -32.41
C LEU D 265 10.41 -13.12 -33.88
N ILE D 266 9.44 -12.29 -34.23
CA ILE D 266 8.85 -12.33 -35.56
C ILE D 266 9.40 -11.26 -36.51
N ARG D 267 9.90 -10.14 -35.99
CA ARG D 267 10.24 -9.00 -36.83
C ARG D 267 11.74 -8.80 -36.99
N SER D 268 12.49 -8.62 -35.91
CA SER D 268 13.88 -8.21 -36.00
C SER D 268 14.88 -9.37 -36.01
N HIS D 269 14.65 -10.41 -35.21
CA HIS D 269 15.66 -11.46 -35.04
C HIS D 269 15.20 -12.82 -35.54
N LEU D 270 14.11 -12.89 -36.30
CA LEU D 270 13.60 -14.16 -36.79
C LEU D 270 14.68 -14.93 -37.55
N GLN D 271 15.27 -14.29 -38.56
CA GLN D 271 16.22 -15.01 -39.41
C GLN D 271 17.49 -15.36 -38.64
N ASP D 272 17.93 -14.47 -37.74
CA ASP D 272 19.11 -14.80 -36.94
C ASP D 272 18.85 -16.00 -36.03
N LEU D 273 17.63 -16.07 -35.47
CA LEU D 273 17.27 -17.25 -34.69
C LEU D 273 17.27 -18.51 -35.54
N LYS D 274 16.76 -18.41 -36.78
CA LYS D 274 16.81 -19.56 -37.68
C LYS D 274 18.25 -19.91 -38.06
N ASP D 275 19.07 -18.90 -38.32
CA ASP D 275 20.46 -19.15 -38.73
C ASP D 275 21.23 -19.88 -37.63
N ILE D 276 21.12 -19.39 -36.39
CA ILE D 276 21.82 -20.03 -35.29
C ILE D 276 21.29 -21.45 -35.07
N THR D 277 19.97 -21.64 -35.21
CA THR D 277 19.40 -22.98 -35.11
C THR D 277 20.02 -23.90 -36.15
N HIS D 278 20.11 -23.43 -37.40
CA HIS D 278 20.59 -24.27 -38.49
C HIS D 278 22.10 -24.47 -38.43
N ASN D 279 22.84 -23.39 -38.20
CA ASN D 279 24.30 -23.43 -38.32
C ASN D 279 25.02 -23.77 -37.02
N ILE D 280 24.35 -23.67 -35.88
CA ILE D 280 24.99 -23.95 -34.59
C ILE D 280 24.33 -25.15 -33.93
N HIS D 281 23.07 -24.98 -33.51
CA HIS D 281 22.41 -25.99 -32.67
C HIS D 281 22.23 -27.30 -33.42
N TYR D 282 21.69 -27.24 -34.64
CA TYR D 282 21.49 -28.47 -35.41
C TYR D 282 22.83 -29.11 -35.79
N GLU D 283 23.81 -28.29 -36.18
CA GLU D 283 25.13 -28.83 -36.49
C GLU D 283 25.76 -29.52 -35.29
N ASN D 284 25.58 -28.93 -34.10
CA ASN D 284 26.05 -29.57 -32.87
C ASN D 284 25.35 -30.91 -32.67
N TYR D 285 24.03 -30.94 -32.86
CA TYR D 285 23.30 -32.19 -32.77
C TYR D 285 23.83 -33.20 -33.78
N ARG D 286 24.11 -32.75 -35.01
CA ARG D 286 24.52 -33.66 -36.07
C ARG D 286 25.88 -34.29 -35.77
N VAL D 287 26.85 -33.49 -35.31
CA VAL D 287 28.18 -34.03 -35.05
C VAL D 287 28.12 -35.10 -33.97
N ILE D 288 27.30 -34.87 -32.94
CA ILE D 288 27.17 -35.85 -31.86
C ILE D 288 26.56 -37.14 -32.38
N ARG D 289 25.44 -37.03 -33.10
CA ARG D 289 24.76 -38.22 -33.61
C ARG D 289 25.67 -39.03 -34.53
N LEU D 290 26.37 -38.35 -35.44
CA LEU D 290 27.19 -39.06 -36.42
C LEU D 290 28.46 -39.65 -35.81
N ASN D 291 28.85 -39.21 -34.62
CA ASN D 291 30.06 -39.71 -33.96
C ASN D 291 29.77 -40.61 -32.78
N GLU D 292 28.52 -41.03 -32.60
CA GLU D 292 28.17 -41.92 -31.48
C GLU D 292 28.79 -43.30 -31.67
PG GNP E . 9.40 -16.78 0.72
O1G GNP E . 9.96 -15.99 1.88
O2G GNP E . 8.63 -18.03 1.06
O3G GNP E . 10.41 -17.25 -0.29
N3B GNP E . 8.47 -15.75 -0.07
PB GNP E . 7.11 -15.13 0.47
O1B GNP E . 7.37 -14.60 1.82
O2B GNP E . 6.03 -16.11 0.27
O3A GNP E . 6.75 -13.94 -0.43
PA GNP E . 6.98 -12.47 -0.06
O1A GNP E . 6.03 -12.08 0.99
O2A GNP E . 8.41 -12.21 0.20
O5' GNP E . 6.60 -11.64 -1.34
C5' GNP E . 7.13 -12.03 -2.62
C4' GNP E . 6.86 -10.97 -3.69
O4' GNP E . 5.44 -10.88 -3.97
C3' GNP E . 7.28 -9.55 -3.35
O3' GNP E . 7.61 -8.86 -4.56
C2' GNP E . 6.01 -8.98 -2.72
O2' GNP E . 5.97 -7.57 -2.77
C1' GNP E . 4.97 -9.59 -3.64
N9 GNP E . 3.64 -9.76 -3.07
C8 GNP E . 3.30 -10.08 -1.78
N7 GNP E . 2.01 -10.18 -1.59
C5 GNP E . 1.46 -9.90 -2.83
C6 GNP E . 0.12 -9.85 -3.26
O6 GNP E . -0.90 -10.05 -2.58
N1 GNP E . 0.00 -9.53 -4.61
C2 GNP E . 1.06 -9.30 -5.45
N2 GNP E . 0.76 -9.00 -6.73
N3 GNP E . 2.33 -9.34 -5.07
C4 GNP E . 2.45 -9.64 -3.76
MG MG F . 8.91 -14.96 3.19
PG GNP G . -12.71 22.82 1.67
O1G GNP G . -11.89 23.12 2.89
O2G GNP G . -13.74 21.72 1.83
O3G GNP G . -11.68 22.56 0.59
N3B GNP G . -13.47 24.13 1.19
PB GNP G . -14.66 24.84 1.98
O1B GNP G . -14.26 24.93 3.40
O2B GNP G . -15.94 24.16 1.67
O3A GNP G . -14.79 26.25 1.42
PA GNP G . -14.27 27.52 2.09
O1A GNP G . -15.09 27.77 3.30
O2A GNP G . -12.80 27.48 2.25
O5' GNP G . -14.59 28.71 1.09
C5' GNP G . -14.32 28.55 -0.30
C4' GNP G . -14.47 29.84 -1.10
O4' GNP G . -15.87 30.19 -1.26
C3' GNP G . -13.81 31.08 -0.50
O3' GNP G . -13.34 31.92 -1.56
C2' GNP G . -14.96 31.73 0.25
O2' GNP G . -14.77 33.12 0.44
C1' GNP G . -16.10 31.47 -0.72
N9 GNP G . -17.41 31.45 -0.10
C8 GNP G . -17.71 30.99 1.17
N7 GNP G . -18.98 31.09 1.45
C5 GNP G . -19.55 31.64 0.31
C6 GNP G . -20.89 31.98 0.04
O6 GNP G . -21.87 31.84 0.78
N1 GNP G . -21.04 32.53 -1.23
C2 GNP G . -20.02 32.71 -2.12
N2 GNP G . -20.35 33.25 -3.30
N3 GNP G . -18.75 32.40 -1.88
C4 GNP G . -18.59 31.87 -0.64
MG MG H . -12.63 24.14 4.42
PG GNP I . 7.96 9.14 15.60
O1G GNP I . 7.40 8.22 16.65
O2G GNP I . 7.20 9.17 14.30
O3G GNP I . 9.40 8.88 15.20
N3B GNP I . 7.89 10.60 16.26
PB GNP I . 8.42 11.94 15.60
O1B GNP I . 9.88 12.07 15.82
O2B GNP I . 7.94 11.99 14.19
O3A GNP I . 7.79 13.09 16.38
PA GNP I . 6.63 13.96 15.89
O1A GNP I . 7.05 14.81 14.75
O2A GNP I . 5.45 13.10 15.68
O5' GNP I . 6.28 14.94 17.07
C5' GNP I . 6.18 14.44 18.40
C4' GNP I . 5.55 15.44 19.36
O4' GNP I . 6.49 16.51 19.66
C3' GNP I . 4.28 16.14 18.89
O3' GNP I . 3.43 16.37 20.01
C2' GNP I . 4.81 17.45 18.33
O2' GNP I . 3.83 18.47 18.35
C1' GNP I . 5.92 17.77 19.33
N9 GNP I . 7.00 18.59 18.79
C8 GNP I . 7.49 18.56 17.52
N7 GNP I . 8.48 19.40 17.32
C5 GNP I . 8.64 20.00 18.57
C6 GNP I . 9.57 20.99 18.98
O6 GNP I . 10.44 21.54 18.31
N1 GNP I . 9.40 21.32 20.32
C2 GNP I . 8.47 20.77 21.16
N2 GNP I . 8.45 21.21 22.42
N3 GNP I . 7.59 19.84 20.78
C4 GNP I . 7.74 19.51 19.48
MG MG J . 7.18 10.69 12.94
PG GNP K . -0.23 -24.69 -17.94
O1G GNP K . -0.71 -25.50 -16.76
O2G GNP K . 1.27 -24.73 -18.18
O3G GNP K . -1.07 -25.16 -19.09
N3B GNP K . -0.60 -23.19 -17.61
PB GNP K . -0.28 -21.96 -18.56
O1B GNP K . 1.14 -21.61 -18.31
O2B GNP K . -0.66 -22.27 -19.96
O3A GNP K . -1.12 -20.78 -18.08
PA GNP K . -2.38 -20.27 -18.78
O1A GNP K . -1.98 -19.61 -20.04
O2A GNP K . -3.41 -21.33 -18.86
O5' GNP K . -2.97 -19.12 -17.86
C5' GNP K . -3.02 -19.31 -16.43
C4' GNP K . -3.86 -18.23 -15.75
O4' GNP K . -3.13 -16.98 -15.69
C3' GNP K . -5.19 -17.90 -16.41
O3' GNP K . -6.14 -17.58 -15.40
C2' GNP K . -4.84 -16.67 -17.27
O2' GNP K . -5.96 -15.85 -17.52
C1' GNP K . -3.86 -15.97 -16.35
N9 GNP K . -2.90 -15.13 -17.07
C8 GNP K . -2.35 -15.39 -18.30
N7 GNP K . -1.51 -14.46 -18.69
C5 GNP K . -1.50 -13.55 -17.65
C6 GNP K . -0.76 -12.36 -17.49
O6 GNP K . 0.04 -11.86 -18.29
N1 GNP K . -1.03 -11.74 -16.28
C2 GNP K . -1.90 -12.21 -15.33
N2 GNP K . -2.04 -11.47 -14.21
N3 GNP K . -2.60 -13.33 -15.45
C4 GNP K . -2.33 -13.95 -16.64
MG MG L . -1.14 -24.01 -20.77
#